data_3I5T
#
_entry.id   3I5T
#
_cell.length_a   55.129
_cell.length_b   63.280
_cell.length_c   69.752
_cell.angle_alpha   103.79
_cell.angle_beta   100.76
_cell.angle_gamma   107.08
#
_symmetry.space_group_name_H-M   'P 1'
#
loop_
_entity.id
_entity.type
_entity.pdbx_description
1 polymer Aminotransferase
2 non-polymer "PYRIDOXAL-5'-PHOSPHATE"
3 water water
#
_entity_poly.entity_id   1
_entity_poly.type   'polypeptide(L)'
_entity_poly.pdbx_seq_one_letter_code
;MSLRNDATNAAGAVGAAMRDHILLPAQEMAKLGKSAQPVLTHAEGIYVHTEDGRRLIDGPAGMWCAQVGYGRREIVDAMA
HQAMVLPYASPWYMATSPAARLAEKIATLTPGDLNRIFFTTGGSTAVDSALRFSEFYNNVLGRPQKKRIIVRYDGYHGST
ALTAACTGRTGNWPNFDIAQDRISFLSSPNPRHAGNRSQEAFLDDLVQEFEDRIESLGPDTIAAFLAEPILASGGVIIPP
AGYHARFKAICEKHDILYISDEVVTGFGRCGEWFASEKVFGVVPDIITFAKGVTSGYVPLGGLAISEAVLARISGENAKG
SWFTNGYTYSNQPVACAAALANIELMEREGIVDQAREMADYFAAALASLRDLPGVAETRSVGLVGCVQCLLDPTRADGTA
EDKAFTLKIDERCFELGLIVRPLGDLCVISPPLIISRAQIDEMVAIMRQAITEVSAAHGLTAKEPAAVEGHHHHHH
;
_entity_poly.pdbx_strand_id   A,B
#
# COMPACT_ATOMS: atom_id res chain seq x y z
N ALA A 13 14.23 -14.94 -21.82
CA ALA A 13 12.76 -15.17 -21.79
C ALA A 13 12.07 -14.44 -20.63
N VAL A 14 12.68 -14.48 -19.43
CA VAL A 14 12.22 -13.70 -18.27
C VAL A 14 12.44 -12.21 -18.54
N GLY A 15 13.60 -11.89 -19.13
CA GLY A 15 13.94 -10.54 -19.55
C GLY A 15 13.00 -9.99 -20.60
N ALA A 16 12.58 -10.86 -21.53
CA ALA A 16 11.64 -10.48 -22.58
C ALA A 16 10.23 -10.21 -22.04
N ALA A 17 9.86 -10.94 -20.98
CA ALA A 17 8.58 -10.74 -20.30
C ALA A 17 8.55 -9.45 -19.49
N MET A 18 9.64 -9.13 -18.80
CA MET A 18 9.78 -7.88 -18.04
C MET A 18 9.66 -6.70 -18.97
N ARG A 19 10.38 -6.80 -20.09
CA ARG A 19 10.51 -5.79 -21.14
C ARG A 19 9.16 -5.41 -21.75
N ASP A 20 8.36 -6.43 -22.06
CA ASP A 20 7.12 -6.24 -22.80
C ASP A 20 5.89 -6.05 -21.92
N HIS A 21 5.95 -6.49 -20.66
CA HIS A 21 4.75 -6.54 -19.83
C HIS A 21 4.81 -5.86 -18.45
N ILE A 22 5.99 -5.37 -18.06
CA ILE A 22 6.11 -4.63 -16.80
C ILE A 22 6.42 -3.15 -16.99
N LEU A 23 5.69 -2.30 -16.26
CA LEU A 23 6.07 -0.92 -16.06
C LEU A 23 6.86 -0.83 -14.76
N LEU A 24 8.11 -0.40 -14.87
CA LEU A 24 9.02 -0.35 -13.72
C LEU A 24 8.88 0.98 -12.97
N PRO A 25 9.13 0.96 -11.64
CA PRO A 25 9.33 2.21 -10.91
C PRO A 25 10.52 2.98 -11.49
N ALA A 26 10.34 4.30 -11.63
CA ALA A 26 11.32 5.22 -12.26
C ALA A 26 11.76 4.84 -13.69
N GLN A 27 10.80 4.33 -14.48
CA GLN A 27 11.05 3.92 -15.85
C GLN A 27 11.36 5.12 -16.75
N GLU A 28 12.52 5.09 -17.40
CA GLU A 28 12.85 6.04 -18.45
C GLU A 28 11.91 5.75 -19.61
N MET A 29 10.97 6.66 -19.84
CA MET A 29 9.90 6.39 -20.79
C MET A 29 10.38 6.29 -22.23
N ALA A 30 11.56 6.86 -22.53
CA ALA A 30 12.18 6.75 -23.85
C ALA A 30 12.67 5.34 -24.17
N LYS A 31 12.92 4.57 -23.11
CA LYS A 31 13.42 3.21 -23.24
C LYS A 31 12.40 2.17 -22.77
N LEU A 32 11.12 2.56 -22.74
CA LEU A 32 10.03 1.63 -22.46
C LEU A 32 9.99 0.53 -23.51
N GLY A 33 10.08 -0.72 -23.05
CA GLY A 33 10.08 -1.87 -23.95
C GLY A 33 11.45 -2.19 -24.53
N LYS A 34 12.49 -1.57 -23.97
CA LYS A 34 13.86 -1.80 -24.40
C LYS A 34 14.75 -2.02 -23.17
N SER A 35 14.19 -1.75 -22.00
CA SER A 35 14.93 -1.79 -20.74
C SER A 35 15.41 -3.19 -20.35
N ALA A 36 16.63 -3.23 -19.84
CA ALA A 36 17.21 -4.46 -19.35
C ALA A 36 17.45 -4.28 -17.86
N GLN A 37 17.12 -5.31 -17.11
CA GLN A 37 17.47 -5.37 -15.70
C GLN A 37 18.11 -6.73 -15.47
N PRO A 38 19.14 -6.79 -14.60
CA PRO A 38 19.69 -8.08 -14.18
C PRO A 38 18.61 -8.97 -13.59
N VAL A 39 18.61 -10.25 -13.95
CA VAL A 39 17.63 -11.19 -13.39
C VAL A 39 18.22 -11.93 -12.19
N LEU A 40 17.65 -11.68 -11.01
CA LEU A 40 18.03 -12.42 -9.82
C LEU A 40 17.21 -13.71 -9.72
N THR A 41 17.87 -14.79 -9.32
CA THR A 41 17.25 -16.10 -9.28
C THR A 41 17.12 -16.65 -7.86
N HIS A 42 18.22 -16.64 -7.12
CA HIS A 42 18.23 -17.14 -5.75
C HIS A 42 19.19 -16.42 -4.83
N ALA A 43 19.09 -16.71 -3.53
CA ALA A 43 19.76 -15.94 -2.50
C ALA A 43 19.99 -16.75 -1.22
N GLU A 44 21.07 -16.45 -0.52
CA GLU A 44 21.36 -17.01 0.81
C GLU A 44 22.35 -16.13 1.56
N GLY A 45 22.09 -15.91 2.85
CA GLY A 45 22.91 -15.03 3.67
C GLY A 45 22.84 -13.60 3.20
N ILE A 46 24.01 -13.01 2.90
CA ILE A 46 24.11 -11.65 2.37
C ILE A 46 24.19 -11.64 0.85
N TYR A 47 24.10 -12.84 0.25
CA TYR A 47 24.35 -13.05 -1.17
C TYR A 47 23.09 -13.26 -2.01
N VAL A 48 23.12 -12.74 -3.23
CA VAL A 48 22.11 -13.02 -4.26
C VAL A 48 22.82 -13.51 -5.53
N HIS A 49 22.06 -14.11 -6.45
CA HIS A 49 22.65 -14.71 -7.65
C HIS A 49 21.95 -14.27 -8.91
N THR A 50 22.73 -14.04 -9.97
CA THR A 50 22.17 -13.69 -11.27
C THR A 50 21.76 -14.94 -12.02
N GLU A 51 21.06 -14.76 -13.15
CA GLU A 51 20.70 -15.89 -14.01
C GLU A 51 21.91 -16.51 -14.73
N ASP A 52 23.06 -15.83 -14.65
CA ASP A 52 24.37 -16.39 -15.05
C ASP A 52 24.93 -17.32 -13.97
N GLY A 53 24.40 -17.21 -12.75
CA GLY A 53 24.85 -18.03 -11.63
C GLY A 53 25.80 -17.30 -10.70
N ARG A 54 26.38 -16.21 -11.21
CA ARG A 54 27.30 -15.33 -10.47
C ARG A 54 26.76 -14.85 -9.12
N ARG A 55 27.58 -14.99 -8.09
CA ARG A 55 27.22 -14.58 -6.74
C ARG A 55 27.62 -13.12 -6.48
N LEU A 56 26.69 -12.36 -5.91
CA LEU A 56 26.94 -10.97 -5.53
C LEU A 56 26.52 -10.70 -4.10
N ILE A 57 27.25 -9.79 -3.45
CA ILE A 57 26.89 -9.29 -2.13
C ILE A 57 25.74 -8.29 -2.28
N ASP A 58 24.64 -8.54 -1.57
CA ASP A 58 23.51 -7.61 -1.55
C ASP A 58 23.82 -6.48 -0.56
N GLY A 59 24.66 -5.55 -1.02
CA GLY A 59 25.04 -4.38 -0.25
C GLY A 59 23.93 -3.53 0.35
N PRO A 60 22.85 -3.26 -0.41
CA PRO A 60 21.72 -2.56 0.20
C PRO A 60 20.71 -3.40 1.02
N ALA A 61 21.01 -4.68 1.26
CA ALA A 61 20.02 -5.65 1.82
C ALA A 61 18.66 -5.57 1.12
N GLY A 62 18.68 -5.75 -0.19
CA GLY A 62 17.50 -5.64 -1.02
C GLY A 62 17.19 -4.17 -1.21
N MET A 63 16.46 -3.62 -0.25
CA MET A 63 16.17 -2.20 -0.20
C MET A 63 16.06 -1.83 1.29
N TRP A 64 17.21 -1.73 1.95
CA TRP A 64 17.31 -1.61 3.43
C TRP A 64 16.28 -2.40 4.21
N CYS A 65 16.08 -3.67 3.84
CA CYS A 65 14.98 -4.45 4.40
C CYS A 65 15.38 -5.82 4.94
N ALA A 66 16.29 -6.50 4.26
CA ALA A 66 16.65 -7.88 4.57
C ALA A 66 17.54 -7.99 5.82
N GLN A 67 17.01 -7.62 6.99
CA GLN A 67 17.81 -7.52 8.21
C GLN A 67 18.55 -8.81 8.58
N VAL A 68 17.85 -9.94 8.48
CA VAL A 68 18.43 -11.23 8.88
C VAL A 68 19.05 -11.99 7.71
N GLY A 69 19.10 -11.34 6.55
CA GLY A 69 19.64 -11.94 5.34
C GLY A 69 18.64 -12.88 4.69
N TYR A 70 19.11 -13.66 3.73
CA TYR A 70 18.25 -14.55 2.97
C TYR A 70 18.38 -16.00 3.42
N GLY A 71 17.29 -16.75 3.31
CA GLY A 71 17.31 -18.18 3.55
C GLY A 71 16.94 -18.58 4.97
N ARG A 72 16.25 -17.70 5.70
CA ARG A 72 15.81 -18.06 7.06
C ARG A 72 14.45 -18.78 7.05
N ARG A 73 14.51 -20.09 7.29
CA ARG A 73 13.35 -20.99 7.31
C ARG A 73 12.32 -20.59 8.36
N GLU A 74 12.79 -20.00 9.45
CA GLU A 74 11.94 -19.55 10.56
C GLU A 74 10.85 -18.56 10.12
N ILE A 75 11.20 -17.61 9.26
CA ILE A 75 10.22 -16.65 8.74
C ILE A 75 9.32 -17.31 7.72
N VAL A 76 9.93 -18.08 6.82
CA VAL A 76 9.20 -18.80 5.78
C VAL A 76 8.20 -19.81 6.38
N ASP A 77 8.66 -20.64 7.32
CA ASP A 77 7.78 -21.61 7.98
C ASP A 77 6.58 -20.98 8.67
N ALA A 78 6.79 -19.84 9.34
CA ALA A 78 5.71 -19.15 10.02
C ALA A 78 4.74 -18.48 9.05
N MET A 79 5.27 -18.03 7.91
CA MET A 79 4.47 -17.49 6.80
C MET A 79 3.56 -18.57 6.26
N ALA A 80 4.16 -19.69 5.86
CA ALA A 80 3.47 -20.83 5.25
C ALA A 80 2.41 -21.46 6.15
N HIS A 81 2.74 -21.60 7.44
CA HIS A 81 1.84 -22.21 8.41
C HIS A 81 0.57 -21.37 8.61
N GLN A 82 0.74 -20.05 8.72
CA GLN A 82 -0.38 -19.15 8.88
C GLN A 82 -1.20 -19.04 7.60
N ALA A 83 -0.52 -19.01 6.46
CA ALA A 83 -1.20 -19.03 5.16
C ALA A 83 -2.11 -20.24 5.02
N MET A 84 -1.67 -21.40 5.51
CA MET A 84 -2.50 -22.62 5.46
C MET A 84 -3.64 -22.61 6.47
N VAL A 85 -3.33 -22.21 7.71
CA VAL A 85 -4.30 -22.23 8.83
C VAL A 85 -5.43 -21.19 8.68
N LEU A 86 -5.06 -19.94 8.41
CA LEU A 86 -6.00 -18.83 8.31
C LEU A 86 -5.29 -17.64 7.64
N PRO A 87 -5.33 -17.58 6.30
CA PRO A 87 -4.58 -16.56 5.57
C PRO A 87 -5.20 -15.15 5.62
N TYR A 88 -6.52 -15.07 5.78
CA TYR A 88 -7.22 -13.79 5.76
C TYR A 88 -8.36 -13.73 6.77
N ALA A 89 -8.46 -12.56 7.43
CA ALA A 89 -9.67 -12.17 8.15
C ALA A 89 -9.86 -10.67 7.97
N SER A 90 -11.12 -10.26 7.79
CA SER A 90 -11.45 -8.84 7.63
C SER A 90 -11.18 -8.07 8.91
N PRO A 91 -10.29 -7.05 8.85
CA PRO A 91 -9.89 -6.26 10.02
C PRO A 91 -10.97 -5.30 10.51
N TRP A 92 -12.02 -5.15 9.71
CA TRP A 92 -13.17 -4.35 10.09
C TRP A 92 -14.04 -5.08 11.11
N TYR A 93 -14.08 -6.41 11.01
CA TYR A 93 -15.01 -7.22 11.80
C TYR A 93 -14.35 -8.31 12.66
N MET A 94 -13.24 -8.87 12.16
CA MET A 94 -12.66 -10.09 12.73
C MET A 94 -11.23 -9.90 13.24
N ALA A 95 -10.97 -10.38 14.46
CA ALA A 95 -9.64 -10.37 15.06
C ALA A 95 -8.87 -11.66 14.80
N THR A 96 -7.55 -11.58 14.69
CA THR A 96 -6.67 -12.76 14.67
C THR A 96 -5.53 -12.63 15.68
N SER A 97 -5.02 -13.78 16.11
CA SER A 97 -3.87 -13.85 17.01
C SER A 97 -2.56 -13.20 16.51
N PRO A 98 -2.10 -13.50 15.24
CA PRO A 98 -0.91 -12.84 14.69
C PRO A 98 -0.89 -11.31 14.81
N ALA A 99 -1.98 -10.67 14.42
CA ALA A 99 -2.10 -9.21 14.48
C ALA A 99 -2.04 -8.70 15.93
N ALA A 100 -2.80 -9.35 16.81
CA ALA A 100 -2.88 -9.02 18.23
C ALA A 100 -1.53 -9.14 18.93
N ARG A 101 -0.84 -10.25 18.67
CA ARG A 101 0.44 -10.53 19.32
C ARG A 101 1.57 -9.67 18.75
N LEU A 102 1.49 -9.35 17.46
CA LEU A 102 2.50 -8.47 16.82
C LEU A 102 2.41 -7.04 17.34
N ALA A 103 1.19 -6.53 17.46
CA ALA A 103 0.97 -5.21 18.02
C ALA A 103 1.43 -5.14 19.46
N GLU A 104 1.14 -6.20 20.22
CA GLU A 104 1.56 -6.34 21.62
C GLU A 104 3.09 -6.30 21.72
N LYS A 105 3.75 -7.03 20.82
CA LYS A 105 5.22 -7.12 20.78
C LYS A 105 5.88 -5.77 20.45
N ILE A 106 5.35 -5.08 19.43
CA ILE A 106 5.93 -3.81 18.97
C ILE A 106 5.76 -2.72 20.04
N ALA A 107 4.60 -2.74 20.71
CA ALA A 107 4.34 -1.85 21.85
C ALA A 107 5.39 -1.95 22.96
N THR A 108 6.07 -3.10 23.06
CA THR A 108 7.15 -3.25 24.05
C THR A 108 8.47 -2.65 23.58
N LEU A 109 8.57 -2.37 22.28
CA LEU A 109 9.84 -1.91 21.69
C LEU A 109 9.89 -0.41 21.44
N THR A 110 8.72 0.19 21.23
CA THR A 110 8.61 1.60 20.91
C THR A 110 8.97 2.49 22.12
N PRO A 111 9.40 3.74 21.88
CA PRO A 111 9.61 4.67 23.00
C PRO A 111 8.29 5.18 23.58
N GLY A 112 8.35 5.68 24.81
CA GLY A 112 7.21 6.33 25.47
C GLY A 112 5.94 5.48 25.51
N ASP A 113 4.81 6.10 25.20
CA ASP A 113 3.51 5.45 25.29
C ASP A 113 2.92 5.07 23.92
N LEU A 114 3.79 4.91 22.92
CA LEU A 114 3.35 4.54 21.57
C LEU A 114 2.95 3.07 21.52
N ASN A 115 1.81 2.80 22.10
CA ASN A 115 1.49 1.38 22.47
CA ASN A 115 1.36 1.51 22.54
C ASN A 115 0.33 0.88 21.65
N ARG A 116 -0.19 1.65 20.73
CA ARG A 116 -1.28 1.21 19.86
C ARG A 116 -0.90 1.33 18.38
N ILE A 117 -1.11 0.22 17.67
CA ILE A 117 -0.62 0.03 16.30
C ILE A 117 -1.76 -0.03 15.28
N PHE A 118 -1.58 0.67 14.17
CA PHE A 118 -2.42 0.56 12.98
C PHE A 118 -1.53 -0.11 11.94
N PHE A 119 -2.01 -1.18 11.30
CA PHE A 119 -1.20 -1.88 10.31
C PHE A 119 -1.61 -1.56 8.89
N THR A 120 -0.62 -1.58 8.00
CA THR A 120 -0.81 -1.33 6.58
C THR A 120 0.05 -2.33 5.78
N THR A 121 0.19 -2.11 4.48
CA THR A 121 0.87 -3.08 3.62
C THR A 121 2.28 -2.63 3.24
N GLY A 122 2.68 -1.47 3.74
CA GLY A 122 3.98 -0.91 3.41
C GLY A 122 4.19 0.47 4.00
N GLY A 123 5.33 1.06 3.66
CA GLY A 123 5.75 2.33 4.25
C GLY A 123 4.96 3.56 3.83
N SER A 124 4.62 3.64 2.54
CA SER A 124 3.79 4.73 2.01
C SER A 124 2.42 4.80 2.64
N THR A 125 1.77 3.64 2.75
CA THR A 125 0.43 3.56 3.31
C THR A 125 0.44 3.85 4.80
N ALA A 126 1.52 3.46 5.47
CA ALA A 126 1.69 3.80 6.89
C ALA A 126 1.84 5.30 7.10
N VAL A 127 2.71 5.94 6.32
CA VAL A 127 2.89 7.40 6.38
C VAL A 127 1.62 8.12 5.91
N ASP A 128 1.00 7.63 4.84
CA ASP A 128 -0.29 8.16 4.38
C ASP A 128 -1.31 8.13 5.51
N SER A 129 -1.39 7.01 6.21
CA SER A 129 -2.33 6.84 7.32
C SER A 129 -1.96 7.68 8.55
N ALA A 130 -0.66 7.93 8.76
CA ALA A 130 -0.20 8.82 9.83
C ALA A 130 -0.68 10.23 9.56
N LEU A 131 -0.60 10.62 8.29
CA LEU A 131 -1.00 11.96 7.87
C LEU A 131 -2.53 12.15 7.87
N ARG A 132 -3.26 11.14 7.39
CA ARG A 132 -4.72 11.12 7.50
C ARG A 132 -5.18 11.11 8.97
N PHE A 133 -4.39 10.46 9.84
CA PHE A 133 -4.65 10.54 11.28
C PHE A 133 -4.54 11.97 11.81
N SER A 134 -3.50 12.71 11.36
CA SER A 134 -3.29 14.08 11.82
C SER A 134 -4.44 15.01 11.46
N GLU A 135 -4.98 14.82 10.25
CA GLU A 135 -6.23 15.42 9.80
C GLU A 135 -7.39 15.14 10.74
N PHE A 136 -7.70 13.85 10.89
CA PHE A 136 -8.77 13.31 11.73
C PHE A 136 -8.71 13.89 13.13
N TYR A 137 -7.51 13.82 13.71
CA TYR A 137 -7.19 14.29 15.05
C TYR A 137 -7.66 15.73 15.25
N ASN A 138 -7.15 16.62 14.40
CA ASN A 138 -7.50 18.05 14.48
C ASN A 138 -8.95 18.38 14.16
N ASN A 139 -9.57 17.58 13.28
CA ASN A 139 -10.99 17.71 13.00
C ASN A 139 -11.85 17.36 14.22
N VAL A 140 -11.52 16.26 14.88
CA VAL A 140 -12.23 15.83 16.11
C VAL A 140 -12.03 16.86 17.22
N LEU A 141 -10.83 17.42 17.30
CA LEU A 141 -10.51 18.46 18.27
C LEU A 141 -11.13 19.84 18.01
N GLY A 142 -11.79 19.98 16.87
CA GLY A 142 -12.42 21.25 16.48
C GLY A 142 -11.38 22.28 16.03
N ARG A 143 -10.33 21.79 15.38
CA ARG A 143 -9.29 22.65 14.82
C ARG A 143 -9.16 22.41 13.31
N PRO A 144 -10.18 22.80 12.51
CA PRO A 144 -10.17 22.44 11.08
C PRO A 144 -9.07 23.08 10.23
N GLN A 145 -8.48 24.17 10.71
CA GLN A 145 -7.40 24.85 9.99
C GLN A 145 -6.02 24.22 10.23
N LYS A 146 -5.91 23.43 11.30
CA LYS A 146 -4.64 22.87 11.73
C LYS A 146 -4.34 21.58 10.96
N LYS A 147 -3.84 21.74 9.73
CA LYS A 147 -3.75 20.65 8.77
C LYS A 147 -2.41 20.55 8.07
N ARG A 148 -1.62 21.62 8.14
CA ARG A 148 -0.39 21.68 7.36
C ARG A 148 0.69 20.74 7.88
N ILE A 149 1.50 20.25 6.94
CA ILE A 149 2.58 19.30 7.19
C ILE A 149 3.92 19.95 6.85
N ILE A 150 4.87 19.83 7.77
CA ILE A 150 6.21 20.38 7.64
C ILE A 150 7.18 19.22 7.40
N VAL A 151 7.91 19.30 6.29
CA VAL A 151 8.90 18.31 5.90
C VAL A 151 10.20 19.02 5.51
N ARG A 152 11.19 18.26 5.01
CA ARG A 152 12.48 18.82 4.63
C ARG A 152 12.81 18.40 3.19
N TYR A 153 13.54 19.24 2.45
CA TYR A 153 14.15 18.83 1.18
C TYR A 153 15.09 17.66 1.44
N ASP A 154 15.28 16.83 0.42
CA ASP A 154 16.01 15.54 0.50
C ASP A 154 15.32 14.41 1.29
N GLY A 155 14.21 14.71 1.96
CA GLY A 155 13.45 13.67 2.66
C GLY A 155 12.67 12.78 1.70
N TYR A 156 12.34 11.57 2.16
CA TYR A 156 11.51 10.62 1.40
C TYR A 156 10.48 9.94 2.30
N HIS A 157 9.20 10.07 1.94
CA HIS A 157 8.14 9.49 2.76
C HIS A 157 7.14 8.61 2.01
N GLY A 158 7.34 8.43 0.70
CA GLY A 158 6.52 7.48 -0.02
C GLY A 158 6.10 7.84 -1.42
N SER A 159 5.20 7.01 -1.96
CA SER A 159 4.82 7.10 -3.36
C SER A 159 3.31 7.14 -3.61
N THR A 160 2.53 7.31 -2.54
CA THR A 160 1.12 7.69 -2.71
C THR A 160 1.14 9.18 -3.05
N ALA A 161 0.07 9.69 -3.64
CA ALA A 161 -0.02 11.11 -4.00
C ALA A 161 0.40 12.03 -2.85
N LEU A 162 -0.21 11.84 -1.68
CA LEU A 162 0.07 12.67 -0.49
C LEU A 162 1.50 12.47 0.05
N THR A 163 1.95 11.23 0.11
CA THR A 163 3.30 10.95 0.65
C THR A 163 4.41 11.36 -0.31
N ALA A 164 4.16 11.24 -1.62
CA ALA A 164 5.07 11.80 -2.62
C ALA A 164 5.08 13.33 -2.60
N ALA A 165 3.96 13.93 -2.25
CA ALA A 165 3.89 15.38 -2.03
C ALA A 165 4.70 15.81 -0.80
N CYS A 166 4.86 14.88 0.16
CA CYS A 166 5.68 15.12 1.35
C CYS A 166 7.16 14.77 1.13
N THR A 167 7.49 14.32 -0.08
CA THR A 167 8.84 13.88 -0.39
C THR A 167 9.72 15.02 -0.94
N GLY A 168 10.85 15.25 -0.25
CA GLY A 168 11.79 16.33 -0.60
C GLY A 168 12.85 15.99 -1.65
N ARG A 169 12.78 14.78 -2.18
CA ARG A 169 13.68 14.37 -3.24
CA ARG A 169 13.66 14.34 -3.24
C ARG A 169 13.13 14.90 -4.56
N THR A 170 13.62 16.09 -4.94
CA THR A 170 13.07 16.81 -6.10
C THR A 170 13.31 16.17 -7.48
N GLY A 171 14.22 15.20 -7.56
CA GLY A 171 14.38 14.40 -8.78
C GLY A 171 13.16 13.55 -9.12
N ASN A 172 12.32 13.25 -8.13
CA ASN A 172 11.08 12.51 -8.32
C ASN A 172 9.91 13.37 -8.79
N TRP A 173 10.07 14.69 -8.67
CA TRP A 173 8.99 15.65 -8.93
C TRP A 173 8.56 15.87 -10.40
N PRO A 174 9.52 15.95 -11.36
CA PRO A 174 9.10 16.30 -12.73
C PRO A 174 7.93 15.48 -13.25
N ASN A 175 6.96 16.18 -13.87
CA ASN A 175 5.70 15.63 -14.41
C ASN A 175 4.68 15.16 -13.37
N PHE A 176 4.91 15.52 -12.12
CA PHE A 176 3.93 15.30 -11.06
C PHE A 176 3.59 16.65 -10.43
N ASP A 177 2.37 16.80 -9.96
CA ASP A 177 1.92 18.06 -9.37
C ASP A 177 2.14 17.98 -7.87
N ILE A 178 3.37 18.28 -7.46
CA ILE A 178 3.80 18.07 -6.08
C ILE A 178 3.44 19.21 -5.14
N ALA A 179 3.78 20.43 -5.56
CA ALA A 179 3.55 21.62 -4.73
C ALA A 179 2.08 21.81 -4.33
N GLN A 180 1.87 22.08 -3.04
CA GLN A 180 0.55 22.40 -2.51
C GLN A 180 0.72 23.12 -1.19
N ASP A 181 -0.26 23.97 -0.87
CA ASP A 181 -0.20 24.84 0.30
C ASP A 181 -0.19 24.11 1.65
N ARG A 182 -0.73 22.89 1.68
CA ARG A 182 -0.75 22.07 2.88
C ARG A 182 0.67 21.66 3.34
N ILE A 183 1.60 21.59 2.41
CA ILE A 183 2.92 21.05 2.65
C ILE A 183 4.03 22.09 2.45
N SER A 184 4.86 22.29 3.47
CA SER A 184 5.95 23.26 3.42
C SER A 184 7.31 22.58 3.66
N PHE A 185 8.26 22.83 2.77
CA PHE A 185 9.60 22.25 2.86
C PHE A 185 10.61 23.15 3.58
N LEU A 186 11.27 22.59 4.60
CA LEU A 186 12.40 23.28 5.25
C LEU A 186 13.65 22.84 4.53
N SER A 187 14.78 23.47 4.86
CA SER A 187 16.06 23.10 4.26
C SER A 187 16.50 21.70 4.67
N SER A 188 17.21 21.02 3.78
CA SER A 188 17.86 19.76 4.10
C SER A 188 18.88 19.98 5.23
N PRO A 189 18.81 19.17 6.31
CA PRO A 189 19.77 19.30 7.41
C PRO A 189 21.08 18.56 7.10
N ASN A 190 21.64 18.88 5.94
CA ASN A 190 22.88 18.32 5.45
C ASN A 190 24.08 19.08 6.04
N PRO A 191 24.92 18.40 6.85
CA PRO A 191 26.15 19.01 7.39
C PRO A 191 27.05 19.70 6.35
N ARG A 192 27.09 19.21 5.11
CA ARG A 192 27.97 19.85 4.12
C ARG A 192 27.34 21.04 3.38
N HIS A 193 26.18 21.47 3.88
CA HIS A 193 25.54 22.72 3.46
C HIS A 193 25.78 23.81 4.51
N ALA A 194 26.55 23.48 5.54
CA ALA A 194 26.91 24.43 6.61
C ALA A 194 27.77 25.61 6.12
N GLY A 195 28.53 25.38 5.05
CA GLY A 195 29.33 26.43 4.43
C GLY A 195 30.42 26.93 5.35
N ASN A 196 30.39 28.23 5.65
CA ASN A 196 31.38 28.87 6.51
CA ASN A 196 31.39 28.86 6.52
C ASN A 196 31.00 28.81 7.99
N ARG A 197 29.91 28.11 8.29
CA ARG A 197 29.41 27.99 9.65
C ARG A 197 29.86 26.71 10.34
N SER A 198 29.96 26.77 11.67
CA SER A 198 30.13 25.58 12.48
C SER A 198 28.86 24.75 12.41
N GLN A 199 29.01 23.45 12.63
CA GLN A 199 27.86 22.55 12.70
C GLN A 199 26.83 23.00 13.75
N GLU A 200 27.34 23.53 14.86
CA GLU A 200 26.50 24.07 15.93
C GLU A 200 25.74 25.34 15.50
N ALA A 201 26.40 26.23 14.75
CA ALA A 201 25.73 27.43 14.24
C ALA A 201 24.76 27.10 13.10
N PHE A 202 25.12 26.11 12.29
CA PHE A 202 24.26 25.59 11.22
C PHE A 202 22.97 25.00 11.79
N LEU A 203 23.12 24.25 12.88
CA LEU A 203 21.97 23.75 13.64
C LEU A 203 21.11 24.89 14.20
N ASP A 204 21.76 25.93 14.69
CA ASP A 204 21.06 27.16 15.10
C ASP A 204 20.18 27.76 14.01
N ASP A 205 20.70 27.79 12.78
CA ASP A 205 19.99 28.32 11.63
C ASP A 205 18.87 27.42 11.14
N LEU A 206 19.09 26.11 11.21
CA LEU A 206 18.07 25.09 10.92
C LEU A 206 16.87 25.23 11.85
N VAL A 207 17.14 25.33 13.15
CA VAL A 207 16.12 25.49 14.18
C VAL A 207 15.36 26.82 14.02
N GLN A 208 16.10 27.90 13.72
CA GLN A 208 15.46 29.19 13.52
CA GLN A 208 15.53 29.23 13.46
C GLN A 208 14.57 29.20 12.26
N GLU A 209 15.00 28.51 11.21
CA GLU A 209 14.20 28.36 9.99
C GLU A 209 12.84 27.73 10.25
N PHE A 210 12.83 26.70 11.11
CA PHE A 210 11.62 26.01 11.53
C PHE A 210 10.69 26.93 12.31
N GLU A 211 11.22 27.62 13.32
CA GLU A 211 10.37 28.55 14.09
C GLU A 211 9.89 29.76 13.26
N ASP A 212 10.68 30.19 12.28
CA ASP A 212 10.25 31.22 11.33
C ASP A 212 9.14 30.74 10.40
N ARG A 213 9.21 29.47 10.00
CA ARG A 213 8.16 28.86 9.18
C ARG A 213 6.87 28.74 9.97
N ILE A 214 6.99 28.34 11.23
CA ILE A 214 5.84 28.26 12.13
C ILE A 214 5.15 29.62 12.26
N GLU A 215 5.96 30.65 12.47
CA GLU A 215 5.49 32.03 12.58
C GLU A 215 4.76 32.54 11.34
N SER A 216 5.35 32.31 10.16
CA SER A 216 4.77 32.82 8.92
C SER A 216 3.54 32.04 8.46
N LEU A 217 3.52 30.73 8.69
CA LEU A 217 2.36 29.92 8.33
C LEU A 217 1.27 30.04 9.39
N GLY A 218 1.68 30.25 10.64
CA GLY A 218 0.76 30.23 11.78
C GLY A 218 0.76 28.83 12.38
N PRO A 219 1.11 28.72 13.69
CA PRO A 219 1.09 27.42 14.37
C PRO A 219 -0.28 26.74 14.34
N ASP A 220 -1.34 27.56 14.38
CA ASP A 220 -2.72 27.09 14.36
C ASP A 220 -3.10 26.46 13.03
N THR A 221 -2.21 26.59 12.05
CA THR A 221 -2.42 25.94 10.76
C THR A 221 -1.58 24.66 10.58
N ILE A 222 -0.64 24.38 11.49
CA ILE A 222 0.27 23.24 11.30
C ILE A 222 -0.12 22.03 12.15
N ALA A 223 -0.38 20.90 11.48
CA ALA A 223 -0.76 19.66 12.13
C ALA A 223 0.44 18.80 12.53
N ALA A 224 1.40 18.67 11.61
CA ALA A 224 2.46 17.68 11.77
C ALA A 224 3.83 18.14 11.26
N PHE A 225 4.88 17.63 11.91
CA PHE A 225 6.25 17.66 11.42
C PHE A 225 6.65 16.22 11.09
N LEU A 226 6.99 15.96 9.83
CA LEU A 226 7.28 14.60 9.36
C LEU A 226 8.76 14.46 8.98
N ALA A 227 9.44 13.52 9.62
CA ALA A 227 10.88 13.42 9.51
C ALA A 227 11.41 12.02 9.72
N GLU A 228 12.17 11.53 8.74
CA GLU A 228 13.12 10.43 8.93
C GLU A 228 14.19 10.89 9.92
N PRO A 229 14.62 10.01 10.85
CA PRO A 229 15.71 10.33 11.80
C PRO A 229 17.03 10.62 11.08
N ILE A 230 17.32 9.81 10.07
CA ILE A 230 18.33 10.16 9.09
C ILE A 230 17.69 10.03 7.71
N LEU A 231 18.12 10.89 6.78
CA LEU A 231 17.48 10.98 5.50
C LEU A 231 18.21 10.00 4.60
N ALA A 232 17.67 8.79 4.54
CA ALA A 232 18.30 7.65 3.88
C ALA A 232 18.39 7.78 2.36
N SER A 233 17.24 7.86 1.69
CA SER A 233 17.16 8.03 0.22
C SER A 233 17.79 9.35 -0.26
N GLY A 234 17.81 10.34 0.62
CA GLY A 234 18.50 11.60 0.37
C GLY A 234 20.01 11.47 0.30
N GLY A 235 20.54 10.35 0.77
CA GLY A 235 21.96 10.07 0.72
C GLY A 235 22.65 9.87 2.06
N VAL A 236 21.94 9.20 2.97
CA VAL A 236 22.37 8.96 4.37
C VAL A 236 22.75 10.30 5.03
N ILE A 237 21.78 11.19 5.12
CA ILE A 237 22.01 12.52 5.66
C ILE A 237 21.67 12.50 7.14
N ILE A 238 22.69 12.77 7.96
CA ILE A 238 22.60 12.73 9.40
C ILE A 238 22.58 14.15 9.90
N PRO A 239 21.44 14.61 10.44
CA PRO A 239 21.32 15.95 10.99
C PRO A 239 22.34 16.17 12.11
N PRO A 240 22.84 17.41 12.27
CA PRO A 240 23.75 17.72 13.38
C PRO A 240 23.13 17.28 14.71
N ALA A 241 23.94 16.68 15.58
CA ALA A 241 23.43 16.13 16.84
C ALA A 241 22.65 17.17 17.64
N GLY A 242 21.47 16.80 18.09
CA GLY A 242 20.60 17.72 18.84
C GLY A 242 19.40 18.22 18.04
N TYR A 243 19.44 18.05 16.72
CA TYR A 243 18.37 18.47 15.81
C TYR A 243 16.99 17.98 16.24
N HIS A 244 16.90 16.68 16.49
CA HIS A 244 15.61 16.00 16.71
C HIS A 244 14.98 16.48 18.01
N ALA A 245 15.80 16.62 19.06
CA ALA A 245 15.36 17.10 20.37
C ALA A 245 14.89 18.55 20.32
N ARG A 246 15.65 19.40 19.61
CA ARG A 246 15.36 20.82 19.49
C ARG A 246 14.06 21.04 18.74
N PHE A 247 13.84 20.25 17.68
CA PHE A 247 12.62 20.32 16.88
C PHE A 247 11.41 19.77 17.65
N LYS A 248 11.62 18.68 18.39
CA LYS A 248 10.56 18.13 19.24
C LYS A 248 10.06 19.15 20.26
N ALA A 249 10.98 19.85 20.91
CA ALA A 249 10.63 20.89 21.90
C ALA A 249 9.76 21.96 21.27
N ILE A 250 10.09 22.36 20.04
CA ILE A 250 9.31 23.33 19.28
C ILE A 250 7.90 22.79 18.89
N CYS A 251 7.84 21.54 18.46
CA CYS A 251 6.55 20.86 18.17
C CYS A 251 5.61 20.86 19.36
N GLU A 252 6.15 20.56 20.54
CA GLU A 252 5.38 20.49 21.79
C GLU A 252 4.82 21.84 22.22
N LYS A 253 5.57 22.91 21.93
CA LYS A 253 5.15 24.28 22.21
C LYS A 253 3.87 24.63 21.47
N HIS A 254 3.80 24.23 20.20
CA HIS A 254 2.69 24.59 19.34
C HIS A 254 1.70 23.46 19.10
N ASP A 255 1.85 22.38 19.87
CA ASP A 255 1.01 21.19 19.76
C ASP A 255 1.02 20.61 18.33
N ILE A 256 2.22 20.40 17.83
CA ILE A 256 2.44 19.86 16.50
C ILE A 256 2.89 18.41 16.65
N LEU A 257 2.21 17.50 15.95
CA LEU A 257 2.56 16.08 16.03
C LEU A 257 3.90 15.83 15.40
N TYR A 258 4.78 15.13 16.13
CA TYR A 258 6.06 14.74 15.58
C TYR A 258 5.92 13.30 15.11
N ILE A 259 5.96 13.13 13.79
CA ILE A 259 5.90 11.82 13.16
C ILE A 259 7.30 11.44 12.71
N SER A 260 7.87 10.47 13.39
CA SER A 260 9.20 10.03 13.04
C SER A 260 9.07 8.84 12.11
N ASP A 261 9.54 9.00 10.88
CA ASP A 261 9.39 7.97 9.87
C ASP A 261 10.58 7.01 9.96
N GLU A 262 10.36 5.88 10.63
CA GLU A 262 11.43 4.89 10.83
C GLU A 262 11.32 3.70 9.89
N VAL A 263 10.76 3.93 8.69
CA VAL A 263 10.62 2.89 7.68
C VAL A 263 11.98 2.24 7.32
N VAL A 264 13.03 3.05 7.25
CA VAL A 264 14.38 2.52 7.03
C VAL A 264 15.14 2.28 8.34
N THR A 265 15.09 3.25 9.24
CA THR A 265 15.93 3.24 10.45
C THR A 265 15.51 2.19 11.48
N GLY A 266 14.25 1.77 11.41
CA GLY A 266 13.69 0.85 12.40
C GLY A 266 14.13 -0.58 12.22
N PHE A 267 13.91 -1.36 13.28
CA PHE A 267 14.19 -2.81 13.32
C PHE A 267 15.65 -3.15 13.05
N GLY A 268 16.52 -2.47 13.79
CA GLY A 268 17.93 -2.86 13.88
C GLY A 268 18.94 -2.05 13.12
N ARG A 269 18.49 -1.32 12.09
CA ARG A 269 19.37 -0.58 11.17
C ARG A 269 20.35 0.38 11.85
N CYS A 270 19.90 1.06 12.90
CA CYS A 270 20.79 1.96 13.65
C CYS A 270 21.16 1.40 15.02
N GLY A 271 21.24 0.07 15.10
CA GLY A 271 21.66 -0.61 16.32
C GLY A 271 20.59 -0.74 17.41
N GLU A 272 19.37 -0.31 17.08
CA GLU A 272 18.23 -0.32 18.01
C GLU A 272 16.96 -0.79 17.30
N TRP A 273 15.95 -1.24 18.06
CA TRP A 273 14.65 -1.57 17.46
C TRP A 273 14.04 -0.33 16.80
N PHE A 274 14.17 0.80 17.51
CA PHE A 274 13.77 2.11 16.99
C PHE A 274 14.84 3.15 17.31
N ALA A 275 15.29 3.88 16.29
CA ALA A 275 16.36 4.85 16.43
C ALA A 275 15.96 6.16 17.12
N SER A 276 14.67 6.48 17.07
CA SER A 276 14.17 7.81 17.48
C SER A 276 14.69 8.31 18.82
N GLU A 277 14.41 7.57 19.89
CA GLU A 277 14.86 8.00 21.21
C GLU A 277 16.28 7.56 21.55
N LYS A 278 16.57 6.27 21.35
CA LYS A 278 17.81 5.67 21.81
C LYS A 278 19.05 6.18 21.08
N VAL A 279 18.90 6.47 19.79
CA VAL A 279 20.00 7.02 19.00
C VAL A 279 19.89 8.55 18.90
N PHE A 280 18.69 9.05 18.57
CA PHE A 280 18.54 10.45 18.16
C PHE A 280 17.85 11.39 19.13
N GLY A 281 17.50 10.88 20.31
CA GLY A 281 17.03 11.73 21.42
C GLY A 281 15.64 12.30 21.31
N VAL A 282 14.78 11.67 20.51
CA VAL A 282 13.40 12.12 20.36
C VAL A 282 12.36 11.04 20.72
N VAL A 283 11.42 11.37 21.61
CA VAL A 283 10.22 10.55 21.78
C VAL A 283 9.11 11.15 20.90
N PRO A 284 8.84 10.52 19.74
CA PRO A 284 7.89 11.06 18.78
C PRO A 284 6.44 10.87 19.23
N ASP A 285 5.51 11.46 18.48
CA ASP A 285 4.10 11.27 18.77
C ASP A 285 3.63 10.03 18.01
N ILE A 286 4.19 9.85 16.83
CA ILE A 286 3.87 8.70 15.95
C ILE A 286 5.18 8.18 15.34
N ILE A 287 5.29 6.85 15.27
CA ILE A 287 6.36 6.22 14.51
C ILE A 287 5.76 5.38 13.39
N THR A 288 6.25 5.58 12.16
CA THR A 288 5.88 4.71 11.05
C THR A 288 7.03 3.71 10.80
N PHE A 289 6.69 2.51 10.34
CA PHE A 289 7.68 1.46 10.10
C PHE A 289 7.23 0.60 8.94
N ALA A 290 8.18 -0.14 8.37
CA ALA A 290 7.92 -1.17 7.35
C ALA A 290 9.17 -2.03 7.23
N LYS A 291 9.49 -2.46 6.01
CA LYS A 291 10.78 -3.05 5.65
C LYS A 291 11.31 -4.14 6.59
N GLY A 292 12.22 -3.72 7.48
CA GLY A 292 12.79 -4.59 8.51
C GLY A 292 11.84 -5.36 9.41
N VAL A 293 10.60 -4.89 9.53
CA VAL A 293 9.58 -5.54 10.37
C VAL A 293 9.39 -7.03 10.00
N THR A 294 9.53 -7.35 8.70
CA THR A 294 9.41 -8.72 8.20
C THR A 294 10.70 -9.18 7.52
N SER A 295 11.76 -8.37 7.65
CA SER A 295 13.01 -8.57 6.90
C SER A 295 12.81 -8.60 5.36
N GLY A 296 11.79 -7.88 4.89
CA GLY A 296 11.43 -7.85 3.48
C GLY A 296 10.86 -9.11 2.88
N TYR A 297 10.53 -10.10 3.73
CA TYR A 297 10.02 -11.39 3.25
C TYR A 297 8.58 -11.31 2.73
N VAL A 298 7.75 -10.50 3.38
CA VAL A 298 6.40 -10.15 2.90
C VAL A 298 6.08 -8.69 3.21
N PRO A 299 5.20 -8.05 2.41
CA PRO A 299 4.78 -6.67 2.68
C PRO A 299 4.06 -6.45 4.01
N LEU A 300 4.63 -5.60 4.85
CA LEU A 300 3.95 -5.10 6.04
C LEU A 300 4.42 -3.68 6.32
N GLY A 301 3.49 -2.85 6.78
CA GLY A 301 3.82 -1.54 7.27
C GLY A 301 2.95 -1.22 8.46
N GLY A 302 3.18 -0.07 9.07
CA GLY A 302 2.31 0.35 10.15
C GLY A 302 2.77 1.59 10.87
N LEU A 303 1.98 1.99 11.86
CA LEU A 303 2.31 3.15 12.66
C LEU A 303 1.97 2.92 14.14
N ALA A 304 2.89 3.31 15.02
CA ALA A 304 2.69 3.26 16.47
C ALA A 304 2.28 4.63 16.97
N ILE A 305 1.15 4.73 17.64
CA ILE A 305 0.62 6.03 18.05
C ILE A 305 0.61 6.15 19.56
N SER A 306 1.12 7.29 20.03
CA SER A 306 1.11 7.68 21.43
C SER A 306 -0.28 7.61 22.09
N GLU A 307 -0.32 6.96 23.25
CA GLU A 307 -1.55 6.81 24.04
C GLU A 307 -2.19 8.14 24.44
N ALA A 308 -1.35 9.08 24.88
CA ALA A 308 -1.83 10.41 25.31
C ALA A 308 -2.46 11.20 24.16
N VAL A 309 -1.90 11.04 22.95
CA VAL A 309 -2.46 11.64 21.72
C VAL A 309 -3.85 11.07 21.44
N LEU A 310 -3.96 9.75 21.47
CA LEU A 310 -5.24 9.08 21.21
C LEU A 310 -6.34 9.37 22.25
N ALA A 311 -5.93 9.56 23.51
CA ALA A 311 -6.87 9.85 24.60
C ALA A 311 -7.64 11.15 24.37
N ARG A 312 -6.99 12.11 23.70
CA ARG A 312 -7.59 13.42 23.41
C ARG A 312 -8.74 13.37 22.42
N ILE A 313 -8.86 12.29 21.66
CA ILE A 313 -9.91 12.16 20.64
C ILE A 313 -10.74 10.87 20.78
N SER A 314 -10.71 10.26 21.97
CA SER A 314 -11.41 9.00 22.22
C SER A 314 -12.06 9.00 23.58
N GLY A 315 -12.92 8.02 23.82
CA GLY A 315 -13.63 7.88 25.09
C GLY A 315 -14.65 8.99 25.24
N GLU A 316 -14.52 9.76 26.32
CA GLU A 316 -15.36 10.92 26.57
C GLU A 316 -15.02 12.10 25.65
N ASN A 317 -13.90 11.98 24.94
CA ASN A 317 -13.43 13.02 24.00
C ASN A 317 -13.67 12.68 22.52
N ALA A 318 -14.44 11.62 22.25
CA ALA A 318 -14.60 11.09 20.89
C ALA A 318 -15.40 11.96 19.93
N LYS A 319 -16.42 12.64 20.48
CA LYS A 319 -17.36 13.48 19.69
C LYS A 319 -18.08 12.67 18.60
N GLY A 320 -18.42 11.42 18.93
CA GLY A 320 -19.09 10.50 18.01
C GLY A 320 -18.36 10.17 16.73
N SER A 321 -17.02 10.14 16.79
CA SER A 321 -16.20 9.96 15.60
C SER A 321 -15.80 8.52 15.37
N TRP A 322 -15.51 8.19 14.11
CA TRP A 322 -15.17 6.83 13.69
C TRP A 322 -13.98 6.95 12.76
N PHE A 323 -12.92 6.19 13.04
CA PHE A 323 -11.70 6.31 12.26
C PHE A 323 -11.80 5.53 10.96
N THR A 324 -12.57 6.07 10.03
CA THR A 324 -12.90 5.39 8.77
C THR A 324 -11.76 5.41 7.76
N ASN A 325 -10.61 4.88 8.19
CA ASN A 325 -9.42 4.69 7.38
C ASN A 325 -9.02 3.24 7.60
N GLY A 326 -8.62 2.55 6.54
CA GLY A 326 -8.24 1.16 6.67
C GLY A 326 -8.07 0.44 5.34
N TYR A 327 -7.20 -0.55 5.32
CA TYR A 327 -6.90 -1.26 4.09
C TYR A 327 -7.40 -2.68 4.19
N THR A 328 -7.65 -3.31 3.04
CA THR A 328 -8.15 -4.69 2.99
C THR A 328 -7.19 -5.64 3.68
N TYR A 329 -5.89 -5.43 3.44
CA TYR A 329 -4.88 -6.29 4.04
C TYR A 329 -4.25 -5.69 5.31
N SER A 330 -4.93 -4.73 5.94
CA SER A 330 -4.57 -4.25 7.29
C SER A 330 -4.74 -5.42 8.26
N ASN A 331 -3.77 -5.58 9.16
CA ASN A 331 -3.80 -6.69 10.14
C ASN A 331 -3.82 -8.11 9.52
N GLN A 332 -3.32 -8.27 8.30
CA GLN A 332 -3.32 -9.57 7.60
C GLN A 332 -2.47 -10.58 8.37
N PRO A 333 -3.05 -11.76 8.69
CA PRO A 333 -2.41 -12.73 9.59
C PRO A 333 -1.08 -13.29 9.09
N VAL A 334 -0.95 -13.48 7.77
CA VAL A 334 0.24 -14.04 7.17
C VAL A 334 1.46 -13.13 7.34
N ALA A 335 1.27 -11.85 7.04
CA ALA A 335 2.35 -10.86 7.15
C ALA A 335 2.72 -10.61 8.60
N CYS A 336 1.70 -10.61 9.48
CA CYS A 336 1.92 -10.48 10.93
C CYS A 336 2.62 -11.67 11.57
N ALA A 337 2.29 -12.88 11.11
CA ALA A 337 2.98 -14.09 11.57
C ALA A 337 4.45 -14.10 11.17
N ALA A 338 4.72 -13.65 9.94
CA ALA A 338 6.09 -13.55 9.43
C ALA A 338 6.93 -12.55 10.21
N ALA A 339 6.33 -11.40 10.51
CA ALA A 339 7.00 -10.35 11.27
C ALA A 339 7.31 -10.83 12.67
N LEU A 340 6.35 -11.54 13.26
CA LEU A 340 6.49 -12.10 14.60
C LEU A 340 7.66 -13.09 14.65
N ALA A 341 7.75 -13.95 13.63
CA ALA A 341 8.89 -14.89 13.50
C ALA A 341 10.21 -14.15 13.29
N ASN A 342 10.16 -13.10 12.46
CA ASN A 342 11.32 -12.25 12.24
C ASN A 342 11.87 -11.64 13.52
N ILE A 343 10.99 -10.96 14.28
CA ILE A 343 11.35 -10.29 15.53
C ILE A 343 11.84 -11.27 16.61
N GLU A 344 11.18 -12.42 16.71
CA GLU A 344 11.57 -13.50 17.61
C GLU A 344 12.95 -14.07 17.28
N LEU A 345 13.21 -14.27 15.98
CA LEU A 345 14.52 -14.66 15.49
C LEU A 345 15.61 -13.62 15.83
N MET A 346 15.30 -12.34 15.57
CA MET A 346 16.20 -11.22 15.87
C MET A 346 16.48 -11.13 17.37
N GLU A 347 15.47 -11.45 18.18
CA GLU A 347 15.61 -11.49 19.63
C GLU A 347 16.51 -12.65 20.06
N ARG A 348 16.15 -13.85 19.62
CA ARG A 348 16.87 -15.10 19.91
C ARG A 348 18.37 -15.01 19.65
N GLU A 349 18.73 -14.48 18.49
CA GLU A 349 20.12 -14.41 18.07
C GLU A 349 20.78 -13.06 18.31
N GLY A 350 20.13 -12.21 19.12
CA GLY A 350 20.60 -10.84 19.42
C GLY A 350 21.06 -10.03 18.23
N ILE A 351 20.26 -10.03 17.16
CA ILE A 351 20.64 -9.46 15.86
C ILE A 351 20.75 -7.92 15.88
N VAL A 352 19.85 -7.29 16.64
CA VAL A 352 19.89 -5.86 16.93
C VAL A 352 21.19 -5.52 17.67
N ASP A 353 21.54 -6.34 18.67
CA ASP A 353 22.79 -6.23 19.41
C ASP A 353 23.97 -6.41 18.46
N GLN A 354 23.89 -7.39 17.56
CA GLN A 354 24.92 -7.64 16.56
C GLN A 354 25.20 -6.41 15.69
N ALA A 355 24.14 -5.77 15.22
CA ALA A 355 24.23 -4.53 14.42
C ALA A 355 24.87 -3.38 15.19
N ARG A 356 24.51 -3.25 16.46
CA ARG A 356 25.10 -2.24 17.34
C ARG A 356 26.59 -2.49 17.59
N GLU A 357 26.98 -3.76 17.71
CA GLU A 357 28.38 -4.13 17.96
C GLU A 357 29.26 -4.06 16.73
N MET A 358 28.65 -4.08 15.55
CA MET A 358 29.36 -4.07 14.28
C MET A 358 29.47 -2.66 13.68
N ALA A 359 28.70 -1.72 14.24
CA ALA A 359 28.63 -0.33 13.71
C ALA A 359 30.00 0.37 13.59
N ASP A 360 30.81 0.33 14.65
CA ASP A 360 32.14 0.97 14.65
C ASP A 360 33.11 0.33 13.66
N TYR A 361 33.09 -0.99 13.55
CA TYR A 361 33.90 -1.70 12.56
C TYR A 361 33.47 -1.36 11.13
N PHE A 362 32.17 -1.19 10.94
CA PHE A 362 31.57 -0.79 9.67
C PHE A 362 32.01 0.62 9.25
N ALA A 363 31.86 1.57 10.16
CA ALA A 363 32.30 2.96 9.99
C ALA A 363 33.79 3.07 9.65
N ALA A 364 34.61 2.33 10.39
CA ALA A 364 36.06 2.33 10.19
C ALA A 364 36.51 1.65 8.89
N ALA A 365 35.82 0.59 8.49
CA ALA A 365 36.09 -0.05 7.20
C ALA A 365 35.76 0.87 6.02
N LEU A 366 34.64 1.58 6.11
CA LEU A 366 34.28 2.57 5.10
C LEU A 366 35.28 3.72 5.04
N ALA A 367 35.72 4.17 6.21
CA ALA A 367 36.70 5.26 6.36
C ALA A 367 38.07 4.97 5.74
N SER A 368 38.38 3.69 5.54
CA SER A 368 39.65 3.29 4.92
C SER A 368 39.66 3.58 3.42
N LEU A 369 38.51 3.96 2.89
CA LEU A 369 38.37 4.38 1.49
C LEU A 369 38.71 5.86 1.29
N ARG A 370 38.79 6.62 2.38
CA ARG A 370 39.06 8.06 2.33
C ARG A 370 40.48 8.37 1.84
N ASP A 371 41.30 7.32 1.85
CA ASP A 371 42.62 7.25 1.26
C ASP A 371 42.64 7.63 -0.22
N LEU A 372 41.55 7.30 -0.92
CA LEU A 372 41.47 7.44 -2.36
C LEU A 372 41.18 8.87 -2.79
N PRO A 373 41.89 9.35 -3.84
CA PRO A 373 41.65 10.68 -4.43
C PRO A 373 40.22 10.87 -4.94
N GLY A 374 39.55 9.79 -5.29
CA GLY A 374 38.18 9.84 -5.79
C GLY A 374 37.11 9.97 -4.71
N VAL A 375 37.50 9.74 -3.46
CA VAL A 375 36.55 9.72 -2.34
C VAL A 375 36.59 11.05 -1.57
N ALA A 376 35.45 11.72 -1.55
CA ALA A 376 35.33 13.01 -0.88
C ALA A 376 35.07 12.82 0.61
N GLU A 377 34.19 11.88 0.92
CA GLU A 377 33.68 11.71 2.28
C GLU A 377 33.10 10.30 2.44
N THR A 378 33.18 9.76 3.66
CA THR A 378 32.41 8.58 4.05
C THR A 378 31.71 8.86 5.37
N ARG A 379 30.45 8.47 5.49
CA ARG A 379 29.70 8.56 6.75
C ARG A 379 28.84 7.33 6.98
N SER A 380 28.37 7.18 8.22
CA SER A 380 27.57 6.03 8.62
C SER A 380 26.96 6.20 10.01
N VAL A 381 25.83 5.52 10.23
CA VAL A 381 25.28 5.32 11.56
C VAL A 381 24.74 3.90 11.56
N GLY A 382 24.93 3.17 12.65
CA GLY A 382 24.58 1.75 12.70
C GLY A 382 25.20 1.00 11.53
N LEU A 383 24.37 0.30 10.77
CA LEU A 383 24.84 -0.39 9.57
C LEU A 383 24.19 0.20 8.31
N VAL A 384 24.10 1.53 8.27
CA VAL A 384 23.78 2.23 7.02
C VAL A 384 24.92 3.20 6.77
N GLY A 385 25.50 3.10 5.58
CA GLY A 385 26.71 3.81 5.29
C GLY A 385 26.72 4.39 3.90
N CYS A 386 27.74 5.18 3.64
CA CYS A 386 27.75 6.04 2.48
C CYS A 386 29.17 6.41 2.09
N VAL A 387 29.49 6.27 0.81
CA VAL A 387 30.78 6.71 0.26
C VAL A 387 30.51 7.76 -0.82
N GLN A 388 30.96 8.99 -0.55
CA GLN A 388 30.77 10.13 -1.45
C GLN A 388 31.95 10.28 -2.40
N CYS A 389 31.66 10.28 -3.70
CA CYS A 389 32.70 10.35 -4.73
C CYS A 389 32.62 11.62 -5.58
N LEU A 390 33.72 12.37 -5.64
CA LEU A 390 33.81 13.58 -6.46
C LEU A 390 35.05 13.58 -7.34
N LEU A 391 34.93 14.20 -8.52
CA LEU A 391 36.07 14.45 -9.39
C LEU A 391 36.84 15.68 -8.91
N ASP A 392 36.08 16.63 -8.36
CA ASP A 392 36.58 17.80 -7.61
C ASP A 392 37.49 18.74 -8.40
N GLY A 398 28.07 18.64 -5.83
CA GLY A 398 27.82 17.44 -6.62
C GLY A 398 27.33 17.76 -8.02
N THR A 399 28.25 17.79 -8.98
CA THR A 399 27.92 18.15 -10.37
C THR A 399 27.36 16.96 -11.15
N ALA A 400 27.03 17.18 -12.42
CA ALA A 400 26.54 16.13 -13.31
C ALA A 400 27.65 15.15 -13.70
N GLU A 401 28.89 15.65 -13.79
CA GLU A 401 30.08 14.84 -14.03
C GLU A 401 30.29 13.79 -12.92
N ASP A 402 30.03 14.19 -11.68
CA ASP A 402 30.21 13.33 -10.51
C ASP A 402 29.18 12.20 -10.44
N LYS A 403 27.95 12.51 -10.85
CA LYS A 403 26.85 11.54 -10.87
C LYS A 403 27.14 10.38 -11.84
N ALA A 404 27.62 10.73 -13.03
CA ALA A 404 28.02 9.77 -14.07
C ALA A 404 29.25 8.96 -13.66
N PHE A 405 30.19 9.62 -12.98
CA PHE A 405 31.39 9.01 -12.41
C PHE A 405 31.05 7.96 -11.35
N THR A 406 30.11 8.31 -10.46
CA THR A 406 29.64 7.41 -9.42
C THR A 406 28.88 6.22 -10.01
N LEU A 407 28.05 6.48 -11.03
CA LEU A 407 27.35 5.43 -11.76
C LEU A 407 28.30 4.39 -12.35
N LYS A 408 29.45 4.87 -12.86
CA LYS A 408 30.49 3.98 -13.40
C LYS A 408 31.18 3.16 -12.31
N ILE A 409 31.33 3.75 -11.12
CA ILE A 409 31.84 3.04 -9.95
C ILE A 409 30.88 1.93 -9.53
N ASP A 410 29.59 2.28 -9.40
CA ASP A 410 28.51 1.33 -9.09
C ASP A 410 28.51 0.13 -10.04
N GLU A 411 28.68 0.42 -11.32
CA GLU A 411 28.72 -0.59 -12.38
C GLU A 411 29.91 -1.53 -12.25
N ARG A 412 31.08 -0.96 -11.93
CA ARG A 412 32.29 -1.76 -11.77
CA ARG A 412 32.30 -1.75 -11.76
C ARG A 412 32.20 -2.63 -10.52
N CYS A 413 31.54 -2.12 -9.48
CA CYS A 413 31.28 -2.87 -8.24
C CYS A 413 30.45 -4.12 -8.52
N PHE A 414 29.39 -3.94 -9.31
CA PHE A 414 28.53 -5.02 -9.78
C PHE A 414 29.32 -6.09 -10.55
N GLU A 415 30.22 -5.65 -11.43
CA GLU A 415 31.07 -6.57 -12.21
C GLU A 415 32.03 -7.37 -11.33
N LEU A 416 32.50 -6.75 -10.24
CA LEU A 416 33.38 -7.41 -9.29
C LEU A 416 32.64 -8.16 -8.17
N GLY A 417 31.32 -8.12 -8.18
CA GLY A 417 30.50 -8.90 -7.24
C GLY A 417 29.85 -8.18 -6.07
N LEU A 418 29.53 -6.91 -6.25
CA LEU A 418 28.85 -6.17 -5.20
C LEU A 418 27.79 -5.21 -5.73
N ILE A 419 26.60 -5.32 -5.16
CA ILE A 419 25.54 -4.37 -5.44
C ILE A 419 25.66 -3.21 -4.47
N VAL A 420 25.81 -2.01 -5.02
CA VAL A 420 25.65 -0.80 -4.23
C VAL A 420 24.44 -0.04 -4.75
N ARG A 421 23.85 0.80 -3.90
CA ARG A 421 22.74 1.67 -4.33
C ARG A 421 23.28 3.03 -4.79
N PRO A 422 23.07 3.38 -6.07
CA PRO A 422 23.57 4.64 -6.61
C PRO A 422 22.62 5.81 -6.31
N LEU A 423 23.10 6.76 -5.53
CA LEU A 423 22.35 7.97 -5.19
C LEU A 423 23.15 9.21 -5.57
N GLY A 424 23.04 9.62 -6.82
CA GLY A 424 23.80 10.76 -7.33
C GLY A 424 25.29 10.50 -7.30
N ASP A 425 25.98 11.21 -6.40
CA ASP A 425 27.43 11.08 -6.23
C ASP A 425 27.82 10.13 -5.07
N LEU A 426 26.86 9.35 -4.59
CA LEU A 426 27.06 8.52 -3.41
C LEU A 426 26.88 7.04 -3.74
N CYS A 427 27.76 6.21 -3.19
CA CYS A 427 27.54 4.78 -3.15
C CYS A 427 27.01 4.42 -1.77
N VAL A 428 25.81 3.86 -1.75
CA VAL A 428 25.12 3.60 -0.50
C VAL A 428 25.08 2.10 -0.21
N ILE A 429 25.41 1.76 1.03
CA ILE A 429 25.37 0.39 1.53
C ILE A 429 24.62 0.33 2.85
N SER A 430 23.82 -0.73 3.00
CA SER A 430 23.04 -1.01 4.20
C SER A 430 22.84 -2.51 4.24
N PRO A 431 23.90 -3.27 4.57
CA PRO A 431 23.89 -4.74 4.39
C PRO A 431 23.03 -5.43 5.45
N PRO A 432 22.70 -6.73 5.25
CA PRO A 432 21.96 -7.47 6.29
C PRO A 432 22.67 -7.35 7.64
N LEU A 433 21.91 -7.28 8.73
CA LEU A 433 22.48 -6.96 10.04
C LEU A 433 23.45 -8.02 10.58
N ILE A 434 23.39 -9.22 10.00
CA ILE A 434 24.21 -10.37 10.40
C ILE A 434 25.56 -10.45 9.67
N ILE A 435 25.85 -9.47 8.83
CA ILE A 435 27.13 -9.42 8.09
C ILE A 435 28.32 -9.48 9.04
N SER A 436 29.29 -10.31 8.69
CA SER A 436 30.49 -10.49 9.50
C SER A 436 31.56 -9.43 9.21
N ARG A 437 32.56 -9.38 10.08
CA ARG A 437 33.76 -8.57 9.88
C ARG A 437 34.45 -8.89 8.55
N ALA A 438 34.60 -10.17 8.25
CA ALA A 438 35.25 -10.62 7.01
C ALA A 438 34.49 -10.17 5.76
N GLN A 439 33.16 -10.25 5.83
CA GLN A 439 32.31 -9.90 4.68
C GLN A 439 32.28 -8.39 4.44
N ILE A 440 32.35 -7.62 5.52
CA ILE A 440 32.48 -6.16 5.43
C ILE A 440 33.77 -5.76 4.71
N ASP A 441 34.88 -6.39 5.06
CA ASP A 441 36.16 -6.12 4.43
C ASP A 441 36.20 -6.56 2.95
N GLU A 442 35.58 -7.69 2.65
CA GLU A 442 35.38 -8.17 1.27
C GLU A 442 34.62 -7.14 0.42
N MET A 443 33.52 -6.62 0.99
CA MET A 443 32.70 -5.57 0.40
C MET A 443 33.53 -4.30 0.14
N VAL A 444 34.31 -3.88 1.14
CA VAL A 444 35.17 -2.70 1.06
C VAL A 444 36.29 -2.87 0.03
N ALA A 445 36.91 -4.05 -0.01
CA ALA A 445 37.97 -4.36 -0.99
C ALA A 445 37.48 -4.32 -2.45
N ILE A 446 36.22 -4.72 -2.66
CA ILE A 446 35.58 -4.59 -3.97
C ILE A 446 35.35 -3.12 -4.34
N MET A 447 34.83 -2.35 -3.38
CA MET A 447 34.63 -0.91 -3.55
C MET A 447 35.96 -0.23 -3.86
N ARG A 448 37.00 -0.55 -3.09
CA ARG A 448 38.33 0.01 -3.30
C ARG A 448 38.85 -0.25 -4.71
N GLN A 449 38.71 -1.48 -5.19
CA GLN A 449 39.16 -1.83 -6.54
C GLN A 449 38.36 -1.06 -7.59
N ALA A 450 37.04 -0.97 -7.38
CA ALA A 450 36.17 -0.30 -8.32
C ALA A 450 36.43 1.20 -8.37
N ILE A 451 36.63 1.83 -7.20
CA ILE A 451 36.93 3.25 -7.14
C ILE A 451 38.28 3.56 -7.79
N THR A 452 39.30 2.77 -7.49
CA THR A 452 40.66 3.00 -8.01
C THR A 452 40.70 2.97 -9.53
N GLU A 453 40.06 1.95 -10.11
CA GLU A 453 40.11 1.69 -11.54
C GLU A 453 39.37 2.74 -12.37
N VAL A 454 38.16 3.08 -11.91
CA VAL A 454 37.34 4.10 -12.56
C VAL A 454 38.02 5.47 -12.45
N SER A 455 38.53 5.79 -11.26
CA SER A 455 39.26 7.04 -11.04
C SER A 455 40.46 7.23 -11.97
N ALA A 456 41.15 6.13 -12.27
CA ALA A 456 42.26 6.11 -13.22
C ALA A 456 41.81 6.42 -14.65
N ALA A 457 40.61 5.96 -15.02
CA ALA A 457 40.02 6.25 -16.33
C ALA A 457 39.50 7.69 -16.44
N HIS A 458 39.40 8.37 -15.30
CA HIS A 458 39.02 9.79 -15.26
C HIS A 458 40.19 10.69 -14.86
N GLY A 459 41.41 10.15 -14.92
CA GLY A 459 42.64 10.91 -14.69
C GLY A 459 42.92 11.36 -13.27
N LEU A 460 42.39 10.64 -12.28
CA LEU A 460 42.62 10.99 -10.87
C LEU A 460 43.90 10.37 -10.32
N THR A 461 44.72 11.22 -9.71
CA THR A 461 46.09 10.87 -9.33
C THR A 461 46.43 11.30 -7.90
N ALA B 13 -7.20 -13.82 26.07
CA ALA B 13 -6.00 -12.94 26.08
C ALA B 13 -5.67 -12.37 24.69
N VAL B 14 -6.10 -13.05 23.63
CA VAL B 14 -6.00 -12.54 22.25
C VAL B 14 -6.84 -11.27 22.09
N GLY B 15 -8.06 -11.32 22.63
CA GLY B 15 -8.99 -10.19 22.64
C GLY B 15 -8.55 -9.05 23.54
N ALA B 16 -7.77 -9.36 24.57
CA ALA B 16 -7.16 -8.34 25.41
C ALA B 16 -6.04 -7.58 24.67
N ALA B 17 -5.26 -8.31 23.87
CA ALA B 17 -4.19 -7.71 23.08
C ALA B 17 -4.71 -6.85 21.93
N MET B 18 -5.81 -7.26 21.29
CA MET B 18 -6.49 -6.44 20.28
C MET B 18 -7.02 -5.15 20.89
N ARG B 19 -7.68 -5.31 22.03
CA ARG B 19 -8.30 -4.22 22.78
C ARG B 19 -7.32 -3.10 23.11
N ASP B 20 -6.12 -3.49 23.57
CA ASP B 20 -5.15 -2.56 24.11
C ASP B 20 -4.09 -2.07 23.12
N HIS B 21 -3.83 -2.84 22.07
CA HIS B 21 -2.67 -2.57 21.22
C HIS B 21 -2.96 -2.37 19.73
N ILE B 22 -4.21 -2.56 19.33
CA ILE B 22 -4.60 -2.41 17.92
C ILE B 22 -5.60 -1.27 17.76
N LEU B 23 -5.32 -0.38 16.79
CA LEU B 23 -6.31 0.56 16.27
C LEU B 23 -6.96 -0.01 15.01
N LEU B 24 -8.28 -0.19 15.06
CA LEU B 24 -9.02 -0.87 13.99
C LEU B 24 -9.45 0.07 12.87
N PRO B 25 -9.52 -0.44 11.63
CA PRO B 25 -10.25 0.29 10.60
C PRO B 25 -11.71 0.53 11.02
N ALA B 26 -12.15 1.78 10.86
CA ALA B 26 -13.49 2.26 11.30
C ALA B 26 -13.76 2.11 12.80
N GLN B 27 -12.72 2.25 13.62
CA GLN B 27 -12.87 2.18 15.08
C GLN B 27 -13.75 3.29 15.59
N GLU B 28 -14.79 2.92 16.34
CA GLU B 28 -15.59 3.88 17.11
C GLU B 28 -14.73 4.38 18.25
N MET B 29 -14.37 5.67 18.19
CA MET B 29 -13.45 6.26 19.14
C MET B 29 -14.00 6.35 20.58
N ALA B 30 -15.33 6.43 20.72
CA ALA B 30 -15.96 6.39 22.05
C ALA B 30 -15.72 5.05 22.75
N LYS B 31 -15.45 4.02 21.96
CA LYS B 31 -15.21 2.67 22.50
C LYS B 31 -13.79 2.16 22.24
N LEU B 32 -12.85 3.08 22.02
CA LEU B 32 -11.43 2.71 21.90
C LEU B 32 -10.94 2.09 23.21
N GLY B 33 -10.45 0.85 23.10
CA GLY B 33 -9.97 0.08 24.25
C GLY B 33 -11.04 -0.79 24.90
N LYS B 34 -12.20 -0.88 24.25
CA LYS B 34 -13.35 -1.61 24.78
C LYS B 34 -14.05 -2.42 23.69
N SER B 35 -13.65 -2.18 22.45
CA SER B 35 -14.17 -2.93 21.31
C SER B 35 -13.68 -4.37 21.34
N ALA B 36 -14.61 -5.29 21.10
CA ALA B 36 -14.30 -6.71 21.08
C ALA B 36 -14.77 -7.27 19.75
N GLN B 37 -13.85 -7.92 19.04
CA GLN B 37 -14.17 -8.59 17.79
C GLN B 37 -14.07 -10.10 18.03
N PRO B 38 -14.93 -10.90 17.35
CA PRO B 38 -14.76 -12.36 17.37
C PRO B 38 -13.39 -12.77 16.84
N VAL B 39 -12.74 -13.70 17.53
CA VAL B 39 -11.43 -14.17 17.10
C VAL B 39 -11.56 -15.40 16.20
N LEU B 40 -11.09 -15.26 14.95
CA LEU B 40 -10.99 -16.37 14.02
C LEU B 40 -9.64 -17.07 14.22
N THR B 41 -9.67 -18.41 14.27
CA THR B 41 -8.46 -19.19 14.52
C THR B 41 -7.99 -20.04 13.33
N HIS B 42 -8.93 -20.70 12.65
CA HIS B 42 -8.56 -21.52 11.48
C HIS B 42 -9.67 -21.59 10.45
N ALA B 43 -9.31 -22.09 9.27
CA ALA B 43 -10.17 -22.04 8.08
C ALA B 43 -9.86 -23.16 7.07
N GLU B 44 -10.90 -23.62 6.38
CA GLU B 44 -10.78 -24.64 5.30
C GLU B 44 -12.01 -24.63 4.40
N GLY B 45 -11.76 -24.71 3.09
CA GLY B 45 -12.82 -24.61 2.10
C GLY B 45 -13.48 -23.25 2.18
N ILE B 46 -14.79 -23.23 2.38
CA ILE B 46 -15.55 -21.98 2.47
C ILE B 46 -15.78 -21.56 3.93
N TYR B 47 -15.23 -22.33 4.86
CA TYR B 47 -15.51 -22.13 6.28
C TYR B 47 -14.34 -21.53 7.04
N VAL B 48 -14.66 -20.80 8.11
CA VAL B 48 -13.70 -20.30 9.07
C VAL B 48 -14.25 -20.66 10.46
N HIS B 49 -13.40 -20.68 11.47
CA HIS B 49 -13.83 -21.08 12.81
C HIS B 49 -13.41 -20.07 13.86
N THR B 50 -14.26 -19.87 14.85
CA THR B 50 -13.99 -18.94 15.95
C THR B 50 -13.22 -19.62 17.06
N GLU B 51 -12.64 -18.80 17.94
CA GLU B 51 -11.96 -19.23 19.17
C GLU B 51 -12.82 -20.15 20.05
N ASP B 52 -14.12 -19.87 20.07
CA ASP B 52 -15.06 -20.66 20.86
CA ASP B 52 -15.11 -20.63 20.84
C ASP B 52 -15.39 -22.00 20.21
N GLY B 53 -14.93 -22.19 18.97
CA GLY B 53 -15.06 -23.47 18.29
C GLY B 53 -16.28 -23.61 17.39
N ARG B 54 -16.93 -22.49 17.08
CA ARG B 54 -18.06 -22.55 16.15
C ARG B 54 -17.59 -22.42 14.71
N ARG B 55 -18.26 -23.14 13.82
CA ARG B 55 -17.95 -23.13 12.39
C ARG B 55 -18.81 -22.09 11.67
N LEU B 56 -18.18 -21.31 10.80
CA LEU B 56 -18.92 -20.27 10.08
C LEU B 56 -18.64 -20.32 8.58
N ILE B 57 -19.71 -20.17 7.79
CA ILE B 57 -19.57 -19.92 6.37
C ILE B 57 -19.03 -18.51 6.19
N ASP B 58 -17.92 -18.38 5.44
CA ASP B 58 -17.37 -17.07 5.09
C ASP B 58 -18.12 -16.52 3.87
N GLY B 59 -19.31 -15.99 4.14
CA GLY B 59 -20.18 -15.38 3.14
C GLY B 59 -19.53 -14.32 2.28
N PRO B 60 -18.77 -13.37 2.88
CA PRO B 60 -18.02 -12.43 2.04
C PRO B 60 -16.72 -12.91 1.40
N ALA B 61 -16.35 -14.19 1.59
CA ALA B 61 -15.03 -14.70 1.20
C ALA B 61 -13.92 -13.78 1.74
N GLY B 62 -13.99 -13.51 3.03
CA GLY B 62 -13.08 -12.60 3.68
C GLY B 62 -13.51 -11.19 3.43
N MET B 63 -12.98 -10.60 2.37
CA MET B 63 -13.45 -9.32 1.89
C MET B 63 -13.43 -9.37 0.36
N TRP B 64 -14.42 -10.05 -0.21
CA TRP B 64 -14.48 -10.40 -1.64
C TRP B 64 -13.14 -10.80 -2.27
N CYS B 65 -12.38 -11.64 -1.58
CA CYS B 65 -11.02 -11.94 -2.02
C CYS B 65 -10.69 -13.43 -2.08
N ALA B 66 -11.25 -14.22 -1.17
CA ALA B 66 -10.95 -15.66 -1.07
C ALA B 66 -11.61 -16.49 -2.17
N GLN B 67 -11.19 -16.27 -3.42
CA GLN B 67 -11.84 -16.89 -4.59
C GLN B 67 -11.83 -18.41 -4.58
N VAL B 68 -10.69 -19.00 -4.21
CA VAL B 68 -10.58 -20.47 -4.19
C VAL B 68 -10.84 -21.05 -2.79
N GLY B 69 -11.25 -20.18 -1.86
CA GLY B 69 -11.42 -20.58 -0.47
C GLY B 69 -10.10 -20.89 0.23
N TYR B 70 -10.22 -21.47 1.42
CA TYR B 70 -9.07 -21.64 2.28
C TYR B 70 -8.43 -23.03 2.22
N GLY B 71 -7.14 -23.08 2.50
CA GLY B 71 -6.41 -24.35 2.60
C GLY B 71 -5.90 -24.93 1.30
N ARG B 72 -5.78 -24.12 0.26
CA ARG B 72 -5.24 -24.61 -1.01
C ARG B 72 -3.73 -24.54 -0.93
N ARG B 73 -3.10 -25.71 -0.78
CA ARG B 73 -1.65 -25.78 -0.60
C ARG B 73 -0.86 -25.32 -1.84
N GLU B 74 -1.49 -25.36 -3.01
CA GLU B 74 -0.90 -24.88 -4.27
C GLU B 74 -0.39 -23.45 -4.17
N ILE B 75 -1.22 -22.57 -3.60
CA ILE B 75 -0.83 -21.19 -3.39
C ILE B 75 0.28 -21.10 -2.32
N VAL B 76 0.05 -21.78 -1.20
CA VAL B 76 0.95 -21.70 -0.03
C VAL B 76 2.33 -22.28 -0.30
N ASP B 77 2.40 -23.41 -1.01
CA ASP B 77 3.68 -24.03 -1.40
C ASP B 77 4.49 -23.13 -2.31
N ALA B 78 3.80 -22.40 -3.19
CA ALA B 78 4.45 -21.49 -4.12
C ALA B 78 4.94 -20.23 -3.41
N MET B 79 4.19 -19.79 -2.39
CA MET B 79 4.62 -18.71 -1.52
C MET B 79 5.91 -19.10 -0.80
N ALA B 80 5.83 -20.20 -0.07
CA ALA B 80 6.94 -20.74 0.72
C ALA B 80 8.22 -20.97 -0.07
N HIS B 81 8.07 -21.54 -1.28
CA HIS B 81 9.21 -21.81 -2.15
C HIS B 81 9.96 -20.53 -2.53
N GLN B 82 9.22 -19.54 -3.04
CA GLN B 82 9.80 -18.27 -3.43
C GLN B 82 10.38 -17.50 -2.24
N ALA B 83 9.67 -17.56 -1.11
CA ALA B 83 10.13 -16.92 0.12
C ALA B 83 11.49 -17.44 0.59
N MET B 84 11.75 -18.73 0.38
CA MET B 84 13.05 -19.34 0.70
C MET B 84 14.12 -19.01 -0.32
N VAL B 85 13.76 -19.15 -1.58
CA VAL B 85 14.70 -19.03 -2.69
C VAL B 85 15.14 -17.57 -2.92
N LEU B 86 14.18 -16.66 -3.06
CA LEU B 86 14.43 -15.24 -3.31
C LEU B 86 13.19 -14.44 -2.90
N PRO B 87 13.11 -14.05 -1.60
CA PRO B 87 11.92 -13.37 -1.09
C PRO B 87 11.77 -11.92 -1.59
N TYR B 88 12.88 -11.24 -1.81
CA TYR B 88 12.89 -9.84 -2.20
C TYR B 88 13.90 -9.53 -3.28
N ALA B 89 13.48 -8.76 -4.29
CA ALA B 89 14.40 -8.06 -5.19
C ALA B 89 13.90 -6.64 -5.44
N SER B 90 14.83 -5.67 -5.40
CA SER B 90 14.48 -4.25 -5.60
C SER B 90 13.92 -4.01 -7.01
N PRO B 91 12.67 -3.51 -7.09
CA PRO B 91 11.98 -3.29 -8.37
C PRO B 91 12.57 -2.14 -9.22
N TRP B 92 13.38 -1.30 -8.59
CA TRP B 92 14.07 -0.23 -9.30
C TRP B 92 15.24 -0.72 -10.16
N TYR B 93 15.89 -1.79 -9.73
CA TYR B 93 17.13 -2.25 -10.35
C TYR B 93 17.09 -3.70 -10.84
N MET B 94 16.38 -4.56 -10.11
CA MET B 94 16.49 -6.01 -10.30
C MET B 94 15.19 -6.65 -10.75
N ALA B 95 15.29 -7.56 -11.72
CA ALA B 95 14.15 -8.31 -12.27
C ALA B 95 14.00 -9.69 -11.62
N THR B 96 12.78 -10.25 -11.65
CA THR B 96 12.50 -11.60 -11.14
C THR B 96 11.57 -12.37 -12.05
N SER B 97 11.71 -13.69 -12.03
CA SER B 97 10.82 -14.60 -12.74
C SER B 97 9.30 -14.48 -12.38
N PRO B 98 8.92 -14.54 -11.08
CA PRO B 98 7.48 -14.43 -10.74
C PRO B 98 6.79 -13.16 -11.21
N ALA B 99 7.43 -12.01 -10.99
CA ALA B 99 6.88 -10.73 -11.44
C ALA B 99 6.68 -10.68 -12.95
N ALA B 100 7.69 -11.15 -13.69
CA ALA B 100 7.69 -11.16 -15.16
C ALA B 100 6.63 -12.08 -15.74
N ARG B 101 6.53 -13.28 -15.19
CA ARG B 101 5.59 -14.29 -15.66
C ARG B 101 4.16 -13.91 -15.30
N LEU B 102 3.97 -13.29 -14.14
CA LEU B 102 2.65 -12.85 -13.69
C LEU B 102 2.10 -11.71 -14.55
N ALA B 103 2.97 -10.75 -14.88
CA ALA B 103 2.61 -9.63 -15.74
C ALA B 103 2.20 -10.13 -17.12
N GLU B 104 2.97 -11.10 -17.61
CA GLU B 104 2.72 -11.74 -18.89
C GLU B 104 1.38 -12.49 -18.88
N LYS B 105 1.13 -13.21 -17.78
CA LYS B 105 -0.13 -13.94 -17.56
C LYS B 105 -1.37 -13.04 -17.53
N ILE B 106 -1.33 -11.98 -16.71
CA ILE B 106 -2.43 -11.03 -16.62
C ILE B 106 -2.73 -10.37 -17.97
N ALA B 107 -1.67 -10.06 -18.74
CA ALA B 107 -1.79 -9.45 -20.07
C ALA B 107 -2.60 -10.29 -21.06
N THR B 108 -2.58 -11.62 -20.88
CA THR B 108 -3.40 -12.51 -21.71
C THR B 108 -4.88 -12.49 -21.31
N LEU B 109 -5.19 -11.94 -20.13
CA LEU B 109 -6.54 -12.03 -19.57
C LEU B 109 -7.34 -10.72 -19.65
N THR B 110 -6.63 -9.61 -19.86
CA THR B 110 -7.24 -8.29 -19.90
C THR B 110 -7.87 -8.05 -21.28
N PRO B 111 -8.91 -7.19 -21.35
CA PRO B 111 -9.43 -6.78 -22.64
C PRO B 111 -8.47 -5.87 -23.38
N GLY B 112 -8.58 -5.85 -24.71
CA GLY B 112 -7.81 -4.95 -25.58
C GLY B 112 -6.30 -5.06 -25.46
N ASP B 113 -5.62 -3.92 -25.46
CA ASP B 113 -4.17 -3.86 -25.38
C ASP B 113 -3.65 -3.49 -23.99
N LEU B 114 -4.41 -3.83 -22.95
CA LEU B 114 -4.00 -3.55 -21.58
C LEU B 114 -2.94 -4.56 -21.13
N ASN B 115 -1.77 -4.45 -21.77
CA ASN B 115 -0.72 -5.48 -21.75
CA ASN B 115 -0.73 -5.49 -21.73
C ASN B 115 0.50 -5.17 -20.90
N ARG B 116 0.57 -3.94 -20.37
CA ARG B 116 1.65 -3.59 -19.48
C ARG B 116 1.11 -3.36 -18.07
N ILE B 117 1.79 -3.97 -17.09
CA ILE B 117 1.32 -4.04 -15.71
C ILE B 117 2.27 -3.35 -14.73
N PHE B 118 1.70 -2.55 -13.84
CA PHE B 118 2.45 -1.94 -12.75
C PHE B 118 1.91 -2.56 -11.46
N PHE B 119 2.76 -3.24 -10.70
CA PHE B 119 2.33 -3.87 -9.43
C PHE B 119 2.49 -2.97 -8.21
N THR B 120 1.53 -3.13 -7.29
CA THR B 120 1.51 -2.44 -5.99
C THR B 120 1.15 -3.48 -4.90
N THR B 121 0.89 -3.02 -3.69
CA THR B 121 0.63 -3.96 -2.57
C THR B 121 -0.85 -4.14 -2.28
N GLY B 122 -1.71 -3.42 -2.99
CA GLY B 122 -3.16 -3.53 -2.77
C GLY B 122 -4.01 -2.68 -3.68
N GLY B 123 -5.30 -2.58 -3.34
CA GLY B 123 -6.27 -1.86 -4.16
C GLY B 123 -6.08 -0.36 -4.16
N SER B 124 -5.91 0.23 -2.98
CA SER B 124 -5.75 1.67 -2.84
C SER B 124 -4.54 2.20 -3.60
N THR B 125 -3.41 1.51 -3.47
CA THR B 125 -2.15 1.93 -4.10
C THR B 125 -2.17 1.71 -5.61
N ALA B 126 -2.95 0.72 -6.06
CA ALA B 126 -3.19 0.51 -7.49
C ALA B 126 -3.96 1.69 -8.07
N VAL B 127 -5.02 2.09 -7.37
CA VAL B 127 -5.85 3.19 -7.84
C VAL B 127 -5.12 4.55 -7.69
N ASP B 128 -4.43 4.74 -6.56
CA ASP B 128 -3.56 5.90 -6.33
C ASP B 128 -2.55 6.06 -7.46
N SER B 129 -1.90 4.96 -7.85
CA SER B 129 -0.95 4.95 -8.96
C SER B 129 -1.59 5.20 -10.34
N ALA B 130 -2.79 4.66 -10.53
CA ALA B 130 -3.57 4.89 -11.76
C ALA B 130 -3.85 6.37 -11.95
N LEU B 131 -4.24 7.01 -10.86
CA LEU B 131 -4.53 8.42 -10.83
C LEU B 131 -3.27 9.27 -10.94
N ARG B 132 -2.18 8.83 -10.33
CA ARG B 132 -0.90 9.53 -10.46
C ARG B 132 -0.39 9.43 -11.90
N PHE B 133 -0.68 8.30 -12.55
CA PHE B 133 -0.37 8.12 -13.96
C PHE B 133 -1.13 9.10 -14.85
N SER B 134 -2.46 9.21 -14.64
CA SER B 134 -3.29 10.17 -15.39
C SER B 134 -2.73 11.59 -15.34
N GLU B 135 -2.21 11.95 -14.17
CA GLU B 135 -1.58 13.24 -13.93
C GLU B 135 -0.24 13.35 -14.69
N PHE B 136 0.62 12.34 -14.51
CA PHE B 136 1.89 12.21 -15.24
C PHE B 136 1.69 12.27 -16.76
N TYR B 137 0.74 11.47 -17.24
CA TYR B 137 0.36 11.37 -18.65
C TYR B 137 0.06 12.74 -19.30
N ASN B 138 -0.79 13.52 -18.65
CA ASN B 138 -1.14 14.83 -19.16
C ASN B 138 -0.04 15.86 -19.05
N ASN B 139 0.77 15.75 -18.01
CA ASN B 139 1.95 16.62 -17.88
C ASN B 139 2.97 16.36 -18.97
N VAL B 140 3.17 15.10 -19.35
CA VAL B 140 4.13 14.75 -20.40
C VAL B 140 3.62 15.21 -21.77
N LEU B 141 2.30 15.16 -21.97
CA LEU B 141 1.64 15.64 -23.19
C LEU B 141 1.54 17.17 -23.32
N GLY B 142 2.01 17.90 -22.31
CA GLY B 142 1.97 19.35 -22.32
C GLY B 142 0.59 19.89 -22.03
N ARG B 143 -0.18 19.14 -21.23
CA ARG B 143 -1.53 19.55 -20.85
C ARG B 143 -1.69 19.63 -19.33
N PRO B 144 -0.95 20.55 -18.67
CA PRO B 144 -0.95 20.56 -17.21
C PRO B 144 -2.29 20.92 -16.54
N GLN B 145 -3.25 21.44 -17.30
CA GLN B 145 -4.57 21.76 -16.77
C GLN B 145 -5.51 20.56 -16.78
N LYS B 146 -5.20 19.57 -17.61
CA LYS B 146 -6.03 18.39 -17.78
C LYS B 146 -5.75 17.40 -16.66
N LYS B 147 -6.41 17.60 -15.52
CA LYS B 147 -6.07 16.90 -14.28
C LYS B 147 -7.26 16.36 -13.49
N ARG B 148 -8.46 16.83 -13.80
CA ARG B 148 -9.61 16.51 -12.95
C ARG B 148 -10.08 15.06 -13.07
N ILE B 149 -10.68 14.59 -11.97
CA ILE B 149 -11.14 13.23 -11.83
C ILE B 149 -12.64 13.27 -11.61
N ILE B 150 -13.36 12.48 -12.40
CA ILE B 150 -14.80 12.32 -12.25
C ILE B 150 -15.08 10.94 -11.66
N VAL B 151 -15.82 10.93 -10.56
CA VAL B 151 -16.22 9.71 -9.87
C VAL B 151 -17.73 9.76 -9.60
N ARG B 152 -18.26 8.77 -8.88
CA ARG B 152 -19.69 8.73 -8.56
C ARG B 152 -19.92 8.61 -7.07
N TYR B 153 -21.04 9.16 -6.60
CA TYR B 153 -21.51 8.86 -5.25
C TYR B 153 -21.75 7.35 -5.11
N ASP B 154 -21.59 6.86 -3.88
CA ASP B 154 -21.56 5.41 -3.54
C ASP B 154 -20.35 4.60 -4.04
N GLY B 155 -19.50 5.19 -4.88
CA GLY B 155 -18.28 4.48 -5.31
C GLY B 155 -17.27 4.37 -4.18
N TYR B 156 -16.42 3.35 -4.26
CA TYR B 156 -15.32 3.17 -3.30
C TYR B 156 -14.06 2.86 -4.06
N HIS B 157 -12.99 3.61 -3.77
CA HIS B 157 -11.74 3.40 -4.48
C HIS B 157 -10.49 3.27 -3.61
N GLY B 158 -10.66 3.42 -2.30
CA GLY B 158 -9.55 3.16 -1.38
C GLY B 158 -9.44 4.01 -0.14
N SER B 159 -8.30 3.86 0.55
CA SER B 159 -8.07 4.53 1.82
C SER B 159 -6.75 5.33 1.92
N THR B 160 -6.06 5.52 0.79
CA THR B 160 -5.03 6.57 0.74
C THR B 160 -5.76 7.90 0.66
N ALA B 161 -5.08 8.98 1.02
CA ALA B 161 -5.70 10.31 0.99
C ALA B 161 -6.34 10.66 -0.37
N LEU B 162 -5.66 10.31 -1.48
CA LEU B 162 -6.23 10.56 -2.81
C LEU B 162 -7.40 9.62 -3.14
N THR B 163 -7.24 8.33 -2.84
CA THR B 163 -8.30 7.36 -3.17
C THR B 163 -9.55 7.46 -2.30
N ALA B 164 -9.36 7.88 -1.04
CA ALA B 164 -10.49 8.18 -0.16
C ALA B 164 -11.29 9.38 -0.65
N ALA B 165 -10.58 10.37 -1.19
CA ALA B 165 -11.22 11.59 -1.72
C ALA B 165 -12.00 11.29 -3.01
N CYS B 166 -11.61 10.21 -3.69
CA CYS B 166 -12.31 9.72 -4.88
C CYS B 166 -13.48 8.78 -4.53
N THR B 167 -13.57 8.44 -3.24
CA THR B 167 -14.59 7.55 -2.70
C THR B 167 -15.88 8.31 -2.40
N GLY B 168 -16.97 7.84 -3.02
CA GLY B 168 -18.30 8.44 -2.88
C GLY B 168 -19.15 7.89 -1.76
N ARG B 169 -18.57 7.01 -0.94
CA ARG B 169 -19.22 6.54 0.26
CA ARG B 169 -19.21 6.52 0.27
C ARG B 169 -19.07 7.58 1.36
N THR B 170 -20.04 8.50 1.39
CA THR B 170 -19.99 9.66 2.28
C THR B 170 -20.04 9.35 3.78
N GLY B 171 -20.36 8.10 4.13
CA GLY B 171 -20.26 7.63 5.51
C GLY B 171 -18.81 7.59 6.02
N ASN B 172 -17.87 7.47 5.10
CA ASN B 172 -16.43 7.47 5.41
C ASN B 172 -15.86 8.89 5.58
N TRP B 173 -16.63 9.90 5.17
CA TRP B 173 -16.15 11.29 5.02
C TRP B 173 -15.93 12.10 6.29
N PRO B 174 -16.85 12.01 7.29
CA PRO B 174 -16.73 12.93 8.44
C PRO B 174 -15.37 12.89 9.13
N ASN B 175 -14.89 14.08 9.51
CA ASN B 175 -13.58 14.27 10.16
C ASN B 175 -12.37 14.00 9.26
N PHE B 176 -12.62 13.88 7.96
CA PHE B 176 -11.57 13.83 6.95
C PHE B 176 -11.82 14.94 5.94
N ASP B 177 -10.73 15.53 5.43
CA ASP B 177 -10.84 16.64 4.49
C ASP B 177 -10.98 16.08 3.09
N ILE B 178 -12.18 15.59 2.79
CA ILE B 178 -12.42 14.84 1.57
C ILE B 178 -12.53 15.74 0.34
N ALA B 179 -13.30 16.82 0.47
CA ALA B 179 -13.54 17.75 -0.64
C ALA B 179 -12.25 18.36 -1.18
N GLN B 180 -12.13 18.35 -2.50
CA GLN B 180 -11.06 19.04 -3.21
C GLN B 180 -11.47 19.31 -4.65
N ASP B 181 -10.92 20.39 -5.20
CA ASP B 181 -11.34 20.99 -6.47
C ASP B 181 -11.10 20.09 -7.69
N ARG B 182 -10.10 19.22 -7.56
CA ARG B 182 -9.71 18.27 -8.61
C ARG B 182 -10.77 17.19 -8.87
N ILE B 183 -11.61 16.91 -7.88
CA ILE B 183 -12.48 15.74 -7.94
C ILE B 183 -13.95 16.16 -7.92
N SER B 184 -14.73 15.65 -8.87
CA SER B 184 -16.15 15.95 -8.97
C SER B 184 -17.01 14.68 -8.97
N PHE B 185 -18.12 14.73 -8.22
CA PHE B 185 -18.99 13.57 -8.02
C PHE B 185 -20.25 13.60 -8.90
N LEU B 186 -20.43 12.55 -9.70
CA LEU B 186 -21.72 12.35 -10.38
C LEU B 186 -22.69 11.63 -9.46
N SER B 187 -23.95 11.56 -9.89
CA SER B 187 -24.98 10.81 -9.20
C SER B 187 -24.65 9.34 -9.25
N SER B 188 -24.98 8.65 -8.16
CA SER B 188 -24.90 7.19 -8.11
C SER B 188 -25.77 6.58 -9.20
N PRO B 189 -25.23 5.61 -9.95
CA PRO B 189 -26.04 4.98 -11.00
C PRO B 189 -26.97 3.88 -10.46
N ASN B 190 -27.74 4.22 -9.43
CA ASN B 190 -28.56 3.28 -8.69
C ASN B 190 -29.97 3.16 -9.27
N PRO B 191 -30.32 1.99 -9.84
CA PRO B 191 -31.68 1.72 -10.37
C PRO B 191 -32.85 2.12 -9.47
N ARG B 192 -32.68 2.06 -8.15
CA ARG B 192 -33.77 2.53 -7.28
C ARG B 192 -33.82 4.04 -7.06
N HIS B 193 -33.01 4.79 -7.81
CA HIS B 193 -33.10 6.25 -7.84
C HIS B 193 -33.81 6.77 -9.09
N ALA B 194 -34.26 5.86 -9.94
CA ALA B 194 -34.97 6.21 -11.18
C ALA B 194 -36.28 6.95 -10.94
N GLY B 195 -36.96 6.64 -9.83
CA GLY B 195 -38.24 7.26 -9.48
C GLY B 195 -39.34 6.95 -10.49
N ASN B 196 -39.94 8.01 -11.04
CA ASN B 196 -41.00 7.90 -12.06
C ASN B 196 -40.49 7.51 -13.43
N ARG B 197 -39.17 7.43 -13.58
CA ARG B 197 -38.55 7.22 -14.89
C ARG B 197 -38.34 5.75 -15.18
N SER B 198 -38.31 5.39 -16.46
CA SER B 198 -37.89 4.07 -16.87
C SER B 198 -36.38 3.96 -16.65
N GLN B 199 -35.89 2.73 -16.56
CA GLN B 199 -34.47 2.48 -16.38
C GLN B 199 -33.64 3.06 -17.52
N GLU B 200 -34.20 2.97 -18.74
CA GLU B 200 -33.60 3.52 -19.95
C GLU B 200 -33.55 5.06 -19.93
N ALA B 201 -34.64 5.69 -19.48
CA ALA B 201 -34.70 7.15 -19.36
C ALA B 201 -33.79 7.68 -18.23
N PHE B 202 -33.73 6.93 -17.12
CA PHE B 202 -32.79 7.16 -16.01
C PHE B 202 -31.36 7.11 -16.51
N LEU B 203 -31.07 6.13 -17.36
CA LEU B 203 -29.75 6.02 -17.99
C LEU B 203 -29.46 7.23 -18.87
N ASP B 204 -30.45 7.68 -19.64
CA ASP B 204 -30.35 8.90 -20.43
C ASP B 204 -30.00 10.12 -19.58
N ASP B 205 -30.54 10.20 -18.37
CA ASP B 205 -30.28 11.30 -17.45
C ASP B 205 -28.88 11.23 -16.83
N LEU B 206 -28.39 10.00 -16.61
CA LEU B 206 -27.04 9.76 -16.08
C LEU B 206 -25.99 10.20 -17.07
N VAL B 207 -26.17 9.75 -18.31
CA VAL B 207 -25.33 10.10 -19.44
C VAL B 207 -25.31 11.61 -19.67
N GLN B 208 -26.50 12.23 -19.66
CA GLN B 208 -26.64 13.68 -19.84
C GLN B 208 -25.96 14.47 -18.72
N GLU B 209 -26.08 14.01 -17.48
CA GLU B 209 -25.40 14.63 -16.33
C GLU B 209 -23.88 14.65 -16.50
N PHE B 210 -23.33 13.53 -16.98
CA PHE B 210 -21.90 13.40 -17.28
C PHE B 210 -21.49 14.40 -18.38
N GLU B 211 -22.25 14.43 -19.48
CA GLU B 211 -21.96 15.35 -20.59
C GLU B 211 -21.99 16.82 -20.17
N ASP B 212 -23.00 17.16 -19.35
CA ASP B 212 -23.15 18.50 -18.80
C ASP B 212 -22.01 18.87 -17.86
N ARG B 213 -21.58 17.91 -17.03
CA ARG B 213 -20.45 18.10 -16.10
C ARG B 213 -19.16 18.38 -16.86
N ILE B 214 -18.93 17.61 -17.92
CA ILE B 214 -17.78 17.83 -18.79
C ILE B 214 -17.76 19.25 -19.37
N GLU B 215 -18.91 19.70 -19.87
CA GLU B 215 -19.04 21.02 -20.44
C GLU B 215 -18.91 22.13 -19.39
N SER B 216 -19.45 21.89 -18.20
CA SER B 216 -19.42 22.87 -17.12
CA SER B 216 -19.42 22.86 -17.11
C SER B 216 -18.00 23.10 -16.59
N LEU B 217 -17.25 22.00 -16.48
CA LEU B 217 -15.86 22.06 -16.01
C LEU B 217 -14.92 22.45 -17.14
N GLY B 218 -15.28 22.05 -18.35
CA GLY B 218 -14.39 22.19 -19.51
C GLY B 218 -13.68 20.86 -19.69
N PRO B 219 -13.84 20.23 -20.86
CA PRO B 219 -13.18 18.97 -21.20
C PRO B 219 -11.67 18.97 -21.05
N ASP B 220 -11.04 20.09 -21.38
CA ASP B 220 -9.59 20.22 -21.33
C ASP B 220 -9.03 20.29 -19.91
N THR B 221 -9.92 20.26 -18.91
CA THR B 221 -9.51 20.21 -17.51
C THR B 221 -9.66 18.82 -16.88
N ILE B 222 -10.19 17.85 -17.66
CA ILE B 222 -10.51 16.53 -17.12
C ILE B 222 -9.57 15.43 -17.61
N ALA B 223 -8.87 14.80 -16.67
CA ALA B 223 -7.93 13.73 -16.96
C ALA B 223 -8.57 12.34 -16.97
N ALA B 224 -9.39 12.05 -15.97
CA ALA B 224 -9.83 10.68 -15.71
C ALA B 224 -11.29 10.56 -15.30
N PHE B 225 -11.89 9.44 -15.69
CA PHE B 225 -13.16 8.97 -15.14
C PHE B 225 -12.87 7.62 -14.47
N LEU B 226 -13.19 7.54 -13.17
CA LEU B 226 -12.84 6.37 -12.36
C LEU B 226 -14.10 5.70 -11.83
N ALA B 227 -14.23 4.41 -12.13
CA ALA B 227 -15.48 3.70 -11.88
C ALA B 227 -15.33 2.19 -11.69
N GLU B 228 -15.85 1.68 -10.58
CA GLU B 228 -16.11 0.23 -10.44
C GLU B 228 -17.17 -0.18 -11.48
N PRO B 229 -17.05 -1.38 -12.08
CA PRO B 229 -18.14 -1.84 -12.97
C PRO B 229 -19.47 -1.97 -12.23
N ILE B 230 -19.43 -2.57 -11.05
CA ILE B 230 -20.54 -2.50 -10.10
C ILE B 230 -20.03 -1.96 -8.77
N LEU B 231 -20.89 -1.22 -8.08
CA LEU B 231 -20.51 -0.53 -6.86
C LEU B 231 -20.73 -1.48 -5.69
N ALA B 232 -19.67 -2.21 -5.35
CA ALA B 232 -19.69 -3.28 -4.36
C ALA B 232 -20.01 -2.80 -2.95
N SER B 233 -19.03 -2.15 -2.32
CA SER B 233 -19.15 -1.62 -0.95
CA SER B 233 -19.23 -1.70 -0.94
C SER B 233 -20.24 -0.56 -0.84
N GLY B 234 -20.60 0.03 -1.98
CA GLY B 234 -21.67 1.01 -2.05
C GLY B 234 -23.05 0.39 -1.94
N GLY B 235 -23.13 -0.92 -2.09
CA GLY B 235 -24.36 -1.65 -1.85
C GLY B 235 -24.83 -2.54 -3.00
N VAL B 236 -23.88 -3.22 -3.64
CA VAL B 236 -24.11 -4.04 -4.84
C VAL B 236 -25.00 -3.26 -5.82
N ILE B 237 -24.50 -2.11 -6.26
CA ILE B 237 -25.24 -1.25 -7.14
C ILE B 237 -24.78 -1.51 -8.56
N ILE B 238 -25.71 -2.02 -9.37
CA ILE B 238 -25.43 -2.35 -10.76
C ILE B 238 -26.05 -1.29 -11.65
N PRO B 239 -25.23 -0.55 -12.41
CA PRO B 239 -25.73 0.50 -13.28
C PRO B 239 -26.68 -0.06 -14.35
N PRO B 240 -27.63 0.76 -14.85
CA PRO B 240 -28.51 0.29 -15.92
C PRO B 240 -27.69 -0.15 -17.11
N ALA B 241 -28.08 -1.24 -17.76
CA ALA B 241 -27.29 -1.81 -18.85
C ALA B 241 -27.03 -0.79 -19.96
N GLY B 242 -25.78 -0.70 -20.39
CA GLY B 242 -25.39 0.29 -21.39
C GLY B 242 -24.57 1.45 -20.85
N TYR B 243 -24.67 1.69 -19.54
CA TYR B 243 -23.92 2.75 -18.84
C TYR B 243 -22.44 2.84 -19.21
N HIS B 244 -21.75 1.72 -19.14
CA HIS B 244 -20.29 1.68 -19.27
C HIS B 244 -19.83 2.02 -20.69
N ALA B 245 -20.48 1.41 -21.69
CA ALA B 245 -20.15 1.66 -23.09
C ALA B 245 -20.42 3.11 -23.48
N ARG B 246 -21.53 3.65 -22.97
CA ARG B 246 -21.95 5.01 -23.29
C ARG B 246 -21.06 6.06 -22.64
N PHE B 247 -20.64 5.81 -21.41
CA PHE B 247 -19.68 6.68 -20.73
C PHE B 247 -18.32 6.63 -21.39
N LYS B 248 -17.91 5.43 -21.82
CA LYS B 248 -16.64 5.25 -22.54
C LYS B 248 -16.59 6.06 -23.84
N ALA B 249 -17.68 6.02 -24.62
CA ALA B 249 -17.76 6.77 -25.88
C ALA B 249 -17.57 8.26 -25.64
N ILE B 250 -18.16 8.75 -24.55
CA ILE B 250 -18.03 10.13 -24.13
C ILE B 250 -16.60 10.43 -23.67
N CYS B 251 -16.00 9.50 -22.92
CA CYS B 251 -14.59 9.63 -22.52
C CYS B 251 -13.67 9.79 -23.72
N GLU B 252 -13.86 8.93 -24.71
CA GLU B 252 -13.05 8.92 -25.93
C GLU B 252 -13.21 10.20 -26.75
N LYS B 253 -14.40 10.79 -26.71
CA LYS B 253 -14.67 12.06 -27.40
C LYS B 253 -13.80 13.20 -26.87
N HIS B 254 -13.48 13.14 -25.57
CA HIS B 254 -12.78 14.24 -24.88
C HIS B 254 -11.41 13.86 -24.35
N ASP B 255 -10.91 12.71 -24.81
CA ASP B 255 -9.65 12.12 -24.34
C ASP B 255 -9.56 12.03 -22.81
N ILE B 256 -10.62 11.52 -22.20
CA ILE B 256 -10.63 11.27 -20.77
C ILE B 256 -10.31 9.78 -20.57
N LEU B 257 -9.37 9.47 -19.68
CA LEU B 257 -8.99 8.08 -19.43
C LEU B 257 -10.08 7.37 -18.64
N TYR B 258 -10.57 6.25 -19.16
CA TYR B 258 -11.52 5.42 -18.44
C TYR B 258 -10.73 4.45 -17.57
N ILE B 259 -10.83 4.64 -16.26
CA ILE B 259 -10.19 3.76 -15.30
C ILE B 259 -11.27 2.88 -14.68
N SER B 260 -11.22 1.59 -15.00
CA SER B 260 -12.17 0.63 -14.50
C SER B 260 -11.56 -0.03 -13.29
N ASP B 261 -12.20 0.16 -12.14
CA ASP B 261 -11.68 -0.38 -10.89
C ASP B 261 -12.24 -1.78 -10.65
N GLU B 262 -11.45 -2.80 -11.01
CA GLU B 262 -11.88 -4.19 -10.85
C GLU B 262 -11.29 -4.88 -9.62
N VAL B 263 -11.02 -4.11 -8.58
CA VAL B 263 -10.48 -4.65 -7.32
C VAL B 263 -11.41 -5.73 -6.73
N VAL B 264 -12.72 -5.51 -6.81
CA VAL B 264 -13.70 -6.51 -6.37
C VAL B 264 -14.11 -7.43 -7.53
N THR B 265 -14.50 -6.84 -8.66
CA THR B 265 -15.09 -7.58 -9.78
C THR B 265 -14.10 -8.53 -10.50
N GLY B 266 -12.81 -8.24 -10.42
CA GLY B 266 -11.81 -9.01 -11.13
C GLY B 266 -11.55 -10.39 -10.56
N PHE B 267 -10.95 -11.24 -11.39
CA PHE B 267 -10.52 -12.59 -11.02
C PHE B 267 -11.67 -13.47 -10.55
N GLY B 268 -12.69 -13.54 -11.40
CA GLY B 268 -13.75 -14.53 -11.28
C GLY B 268 -15.05 -14.11 -10.65
N ARG B 269 -15.05 -13.02 -9.87
CA ARG B 269 -16.24 -12.58 -9.10
C ARG B 269 -17.53 -12.40 -9.92
N CYS B 270 -17.38 -11.96 -11.16
CA CYS B 270 -18.52 -11.80 -12.06
C CYS B 270 -18.51 -12.84 -13.19
N GLY B 271 -17.89 -13.99 -12.93
CA GLY B 271 -17.87 -15.10 -13.88
C GLY B 271 -16.89 -14.92 -15.02
N GLU B 272 -15.94 -14.03 -14.80
CA GLU B 272 -14.99 -13.63 -15.81
C GLU B 272 -13.69 -13.19 -15.12
N TRP B 273 -12.53 -13.35 -15.78
CA TRP B 273 -11.25 -12.82 -15.28
C TRP B 273 -11.32 -11.32 -15.01
N PHE B 274 -11.90 -10.59 -15.97
CA PHE B 274 -12.20 -9.17 -15.83
C PHE B 274 -13.61 -8.92 -16.35
N ALA B 275 -14.42 -8.26 -15.53
CA ALA B 275 -15.83 -8.00 -15.87
C ALA B 275 -16.02 -6.89 -16.92
N SER B 276 -15.04 -5.99 -17.05
CA SER B 276 -15.19 -4.75 -17.83
C SER B 276 -15.80 -4.90 -19.22
N GLU B 277 -15.17 -5.70 -20.07
CA GLU B 277 -15.67 -5.88 -21.44
C GLU B 277 -16.67 -7.01 -21.55
N LYS B 278 -16.29 -8.19 -21.05
CA LYS B 278 -17.09 -9.40 -21.25
C LYS B 278 -18.45 -9.40 -20.54
N VAL B 279 -18.57 -8.66 -19.44
CA VAL B 279 -19.87 -8.51 -18.76
C VAL B 279 -20.52 -7.14 -19.05
N PHE B 280 -19.73 -6.06 -18.96
CA PHE B 280 -20.30 -4.71 -19.00
C PHE B 280 -20.01 -3.90 -20.28
N GLY B 281 -19.30 -4.49 -21.23
CA GLY B 281 -19.16 -3.91 -22.57
C GLY B 281 -18.26 -2.70 -22.75
N VAL B 282 -17.28 -2.54 -21.86
CA VAL B 282 -16.27 -1.48 -22.00
C VAL B 282 -14.83 -2.01 -22.04
N VAL B 283 -14.06 -1.59 -23.05
CA VAL B 283 -12.60 -1.71 -23.01
C VAL B 283 -12.04 -0.44 -22.36
N PRO B 284 -11.55 -0.53 -21.11
CA PRO B 284 -11.06 0.66 -20.40
C PRO B 284 -9.69 1.06 -20.89
N ASP B 285 -9.20 2.21 -20.43
CA ASP B 285 -7.83 2.60 -20.69
C ASP B 285 -6.92 1.97 -19.64
N ILE B 286 -7.40 1.92 -18.39
CA ILE B 286 -6.66 1.31 -17.28
C ILE B 286 -7.60 0.42 -16.45
N ILE B 287 -7.13 -0.76 -16.05
CA ILE B 287 -7.81 -1.61 -15.07
C ILE B 287 -6.95 -1.77 -13.84
N THR B 288 -7.52 -1.45 -12.68
CA THR B 288 -6.89 -1.73 -11.40
C THR B 288 -7.46 -3.01 -10.79
N PHE B 289 -6.59 -3.76 -10.13
CA PHE B 289 -6.98 -5.04 -9.54
C PHE B 289 -6.26 -5.25 -8.21
N ALA B 290 -6.82 -6.10 -7.37
CA ALA B 290 -6.09 -6.66 -6.24
C ALA B 290 -6.84 -7.84 -5.62
N LYS B 291 -7.07 -7.76 -4.32
CA LYS B 291 -7.82 -8.80 -3.61
C LYS B 291 -7.58 -10.18 -4.20
N GLY B 292 -8.37 -10.53 -5.21
CA GLY B 292 -8.58 -11.93 -5.57
C GLY B 292 -7.50 -12.45 -6.49
N VAL B 293 -6.56 -11.58 -6.85
CA VAL B 293 -5.41 -11.98 -7.66
C VAL B 293 -4.52 -12.96 -6.91
N THR B 294 -4.61 -12.95 -5.59
CA THR B 294 -3.90 -13.92 -4.75
C THR B 294 -4.84 -14.77 -3.90
N SER B 295 -6.14 -14.68 -4.21
CA SER B 295 -7.21 -15.29 -3.39
C SER B 295 -7.15 -14.85 -1.91
N GLY B 296 -6.58 -13.67 -1.67
CA GLY B 296 -6.42 -13.12 -0.32
C GLY B 296 -5.31 -13.70 0.54
N TYR B 297 -4.43 -14.50 -0.07
CA TYR B 297 -3.38 -15.20 0.70
C TYR B 297 -2.21 -14.29 1.09
N VAL B 298 -1.99 -13.23 0.33
CA VAL B 298 -0.86 -12.30 0.51
C VAL B 298 -1.23 -10.97 -0.18
N PRO B 299 -0.82 -9.81 0.40
CA PRO B 299 -1.04 -8.53 -0.27
C PRO B 299 -0.48 -8.43 -1.70
N LEU B 300 -1.37 -8.12 -2.65
CA LEU B 300 -0.95 -7.73 -3.99
C LEU B 300 -2.03 -6.88 -4.66
N GLY B 301 -1.59 -5.82 -5.31
CA GLY B 301 -2.46 -5.04 -6.18
C GLY B 301 -1.72 -4.72 -7.46
N GLY B 302 -2.40 -4.06 -8.38
CA GLY B 302 -1.74 -3.58 -9.58
C GLY B 302 -2.68 -2.91 -10.56
N LEU B 303 -2.12 -2.50 -11.69
CA LEU B 303 -2.93 -1.89 -12.74
C LEU B 303 -2.40 -2.29 -14.12
N ALA B 304 -3.32 -2.49 -15.05
CA ALA B 304 -3.02 -2.89 -16.43
C ALA B 304 -3.27 -1.69 -17.32
N ILE B 305 -2.24 -1.20 -17.99
CA ILE B 305 -2.37 0.02 -18.80
C ILE B 305 -2.35 -0.30 -20.31
N SER B 306 -3.25 0.34 -21.04
CA SER B 306 -3.33 0.27 -22.50
C SER B 306 -2.03 0.67 -23.21
N GLU B 307 -1.57 -0.18 -24.13
CA GLU B 307 -0.34 0.05 -24.91
C GLU B 307 -0.37 1.34 -25.73
N ALA B 308 -1.54 1.64 -26.30
CA ALA B 308 -1.75 2.85 -27.10
C ALA B 308 -1.64 4.11 -26.24
N VAL B 309 -2.14 4.06 -25.02
CA VAL B 309 -2.05 5.16 -24.05
C VAL B 309 -0.59 5.45 -23.72
N LEU B 310 0.14 4.39 -23.37
CA LEU B 310 1.56 4.47 -23.05
C LEU B 310 2.44 4.92 -24.21
N ALA B 311 2.10 4.51 -25.43
CA ALA B 311 2.84 4.89 -26.64
C ALA B 311 2.87 6.40 -26.89
N ARG B 312 1.80 7.09 -26.48
N ARG B 312 1.82 7.09 -26.48
CA ARG B 312 1.70 8.55 -26.62
CA ARG B 312 1.70 8.55 -26.62
C ARG B 312 2.65 9.33 -25.70
C ARG B 312 2.63 9.34 -25.69
N ILE B 313 3.21 8.67 -24.70
CA ILE B 313 4.14 9.33 -23.76
C ILE B 313 5.45 8.57 -23.58
N SER B 314 5.76 7.70 -24.54
CA SER B 314 6.99 6.92 -24.48
C SER B 314 7.65 6.85 -25.84
N GLY B 315 8.84 6.26 -25.89
CA GLY B 315 9.60 6.13 -27.14
C GLY B 315 9.99 7.50 -27.67
N GLU B 316 9.55 7.81 -28.88
CA GLU B 316 9.79 9.11 -29.55
CA GLU B 316 9.87 9.12 -29.48
C GLU B 316 9.02 10.23 -28.87
N ASN B 317 7.99 9.86 -28.10
CA ASN B 317 7.07 10.81 -27.49
C ASN B 317 7.33 11.01 -25.98
N ALA B 318 8.44 10.46 -25.52
CA ALA B 318 8.76 10.42 -24.09
C ALA B 318 9.08 11.76 -23.45
N LYS B 319 9.59 12.71 -24.25
CA LYS B 319 9.98 14.05 -23.77
C LYS B 319 10.94 14.03 -22.56
N GLY B 320 11.83 13.04 -22.53
CA GLY B 320 12.79 12.86 -21.43
C GLY B 320 12.15 12.60 -20.06
N SER B 321 11.01 11.91 -20.05
CA SER B 321 10.29 11.65 -18.80
C SER B 321 10.65 10.31 -18.13
N TRP B 322 10.47 10.29 -16.82
CA TRP B 322 10.81 9.16 -15.97
C TRP B 322 9.64 8.98 -15.03
N PHE B 323 9.00 7.80 -15.06
CA PHE B 323 7.82 7.55 -14.22
C PHE B 323 8.22 7.26 -12.77
N THR B 324 8.55 8.31 -12.04
CA THR B 324 9.12 8.19 -10.69
C THR B 324 8.06 8.00 -9.61
N ASN B 325 7.30 6.93 -9.77
CA ASN B 325 6.30 6.45 -8.84
C ASN B 325 6.60 4.96 -8.66
N GLY B 326 6.47 4.46 -7.45
CA GLY B 326 6.79 3.06 -7.18
C GLY B 326 6.97 2.76 -5.71
N TYR B 327 6.64 1.54 -5.31
CA TYR B 327 6.70 1.13 -3.91
C TYR B 327 7.80 0.08 -3.70
N THR B 328 8.30 -0.01 -2.47
CA THR B 328 9.37 -0.96 -2.14
C THR B 328 8.95 -2.40 -2.46
N TYR B 329 7.69 -2.71 -2.20
CA TYR B 329 7.16 -4.03 -2.47
C TYR B 329 6.39 -4.15 -3.80
N SER B 330 6.59 -3.18 -4.70
CA SER B 330 6.21 -3.33 -6.11
C SER B 330 6.96 -4.53 -6.66
N ASN B 331 6.27 -5.37 -7.43
CA ASN B 331 6.86 -6.55 -8.09
C ASN B 331 7.45 -7.61 -7.16
N GLN B 332 6.96 -7.67 -5.92
CA GLN B 332 7.48 -8.56 -4.89
C GLN B 332 7.33 -10.02 -5.30
N PRO B 333 8.45 -10.77 -5.32
CA PRO B 333 8.51 -12.15 -5.79
C PRO B 333 7.55 -13.12 -5.09
N VAL B 334 7.36 -12.97 -3.77
CA VAL B 334 6.50 -13.88 -3.01
C VAL B 334 5.01 -13.71 -3.38
N ALA B 335 4.54 -12.46 -3.40
CA ALA B 335 3.16 -12.13 -3.75
C ALA B 335 2.87 -12.56 -5.19
N CYS B 336 3.82 -12.30 -6.08
CA CYS B 336 3.68 -12.65 -7.49
C CYS B 336 3.68 -14.15 -7.73
N ALA B 337 4.46 -14.89 -6.95
CA ALA B 337 4.47 -16.35 -7.04
C ALA B 337 3.15 -16.94 -6.54
N ALA B 338 2.61 -16.37 -5.46
CA ALA B 338 1.30 -16.74 -4.93
C ALA B 338 0.19 -16.50 -5.96
N ALA B 339 0.18 -15.31 -6.55
CA ALA B 339 -0.79 -14.93 -7.57
C ALA B 339 -0.73 -15.84 -8.79
N LEU B 340 0.50 -16.14 -9.23
CA LEU B 340 0.71 -17.02 -10.38
C LEU B 340 0.17 -18.42 -10.09
N ALA B 341 0.38 -18.89 -8.86
CA ALA B 341 -0.12 -20.20 -8.44
C ALA B 341 -1.63 -20.21 -8.32
N ASN B 342 -2.17 -19.10 -7.81
CA ASN B 342 -3.59 -18.91 -7.71
C ASN B 342 -4.28 -18.98 -9.08
N ILE B 343 -3.80 -18.17 -10.04
CA ILE B 343 -4.35 -18.14 -11.40
C ILE B 343 -4.26 -19.51 -12.07
N GLU B 344 -3.11 -20.16 -11.96
CA GLU B 344 -2.90 -21.49 -12.54
C GLU B 344 -3.84 -22.53 -11.91
N LEU B 345 -4.11 -22.40 -10.61
CA LEU B 345 -5.06 -23.26 -9.91
C LEU B 345 -6.49 -23.03 -10.44
N MET B 346 -6.84 -21.75 -10.61
CA MET B 346 -8.12 -21.32 -11.20
C MET B 346 -8.29 -21.79 -12.65
N GLU B 347 -7.21 -21.79 -13.43
CA GLU B 347 -7.23 -22.35 -14.78
C GLU B 347 -7.49 -23.86 -14.80
N ARG B 348 -6.74 -24.61 -13.99
CA ARG B 348 -6.83 -26.08 -13.91
C ARG B 348 -8.20 -26.59 -13.50
N GLU B 349 -8.80 -25.97 -12.47
CA GLU B 349 -10.06 -26.43 -11.92
C GLU B 349 -11.28 -25.70 -12.51
N GLY B 350 -11.01 -24.84 -13.50
CA GLY B 350 -12.03 -24.04 -14.18
C GLY B 350 -12.91 -23.20 -13.26
N ILE B 351 -12.28 -22.54 -12.29
CA ILE B 351 -13.00 -21.84 -11.21
C ILE B 351 -13.75 -20.58 -11.67
N VAL B 352 -13.22 -19.91 -12.70
CA VAL B 352 -13.91 -18.79 -13.35
C VAL B 352 -15.18 -19.33 -14.03
N ASP B 353 -15.04 -20.45 -14.74
CA ASP B 353 -16.17 -21.12 -15.40
C ASP B 353 -17.18 -21.60 -14.38
N GLN B 354 -16.69 -22.11 -13.24
CA GLN B 354 -17.54 -22.53 -12.13
C GLN B 354 -18.40 -21.41 -11.59
N ALA B 355 -17.78 -20.25 -11.37
CA ALA B 355 -18.48 -19.06 -10.89
C ALA B 355 -19.53 -18.57 -11.89
N ARG B 356 -19.20 -18.61 -13.19
CA ARG B 356 -20.13 -18.24 -14.25
C ARG B 356 -21.35 -19.18 -14.28
N GLU B 357 -21.10 -20.48 -14.13
CA GLU B 357 -22.16 -21.49 -14.14
C GLU B 357 -23.00 -21.52 -12.87
N MET B 358 -22.44 -21.05 -11.76
CA MET B 358 -23.16 -21.04 -10.49
C MET B 358 -24.02 -19.78 -10.29
N ALA B 359 -23.75 -18.73 -11.07
CA ALA B 359 -24.40 -17.41 -10.87
C ALA B 359 -25.93 -17.41 -10.83
N ASP B 360 -26.56 -18.10 -11.80
CA ASP B 360 -28.04 -18.19 -11.85
C ASP B 360 -28.63 -18.87 -10.62
N TYR B 361 -27.99 -19.94 -10.16
CA TYR B 361 -28.43 -20.69 -8.97
C TYR B 361 -28.33 -19.82 -7.72
N PHE B 362 -27.20 -19.11 -7.61
CA PHE B 362 -26.91 -18.16 -6.54
C PHE B 362 -28.00 -17.09 -6.50
N ALA B 363 -28.23 -16.48 -7.66
CA ALA B 363 -29.30 -15.48 -7.85
C ALA B 363 -30.67 -15.96 -7.41
N ALA B 364 -31.04 -17.16 -7.84
CA ALA B 364 -32.36 -17.74 -7.56
C ALA B 364 -32.51 -18.14 -6.09
N ALA B 365 -31.42 -18.57 -5.47
CA ALA B 365 -31.43 -18.96 -4.07
C ALA B 365 -31.67 -17.76 -3.18
N LEU B 366 -31.01 -16.64 -3.48
CA LEU B 366 -31.27 -15.37 -2.81
C LEU B 366 -32.70 -14.91 -3.04
N ALA B 367 -33.18 -15.09 -4.26
CA ALA B 367 -34.54 -14.67 -4.65
C ALA B 367 -35.65 -15.46 -3.95
N SER B 368 -35.32 -16.63 -3.39
CA SER B 368 -36.27 -17.39 -2.58
C SER B 368 -36.54 -16.73 -1.23
N LEU B 369 -35.71 -15.76 -0.85
CA LEU B 369 -35.90 -15.01 0.38
C LEU B 369 -36.93 -13.90 0.26
N ARG B 370 -37.34 -13.58 -0.97
CA ARG B 370 -38.28 -12.49 -1.24
C ARG B 370 -39.68 -12.81 -0.72
N ASP B 371 -39.96 -14.11 -0.67
CA ASP B 371 -41.03 -14.75 0.12
C ASP B 371 -41.32 -14.06 1.47
N LEU B 372 -40.26 -13.78 2.22
CA LEU B 372 -40.32 -13.27 3.59
C LEU B 372 -40.87 -11.85 3.68
N PRO B 373 -41.72 -11.57 4.69
CA PRO B 373 -42.25 -10.22 4.92
C PRO B 373 -41.17 -9.17 5.21
N GLY B 374 -40.07 -9.59 5.84
CA GLY B 374 -38.97 -8.69 6.15
C GLY B 374 -38.10 -8.28 4.96
N VAL B 375 -38.12 -9.09 3.90
CA VAL B 375 -37.25 -8.87 2.73
C VAL B 375 -37.91 -7.99 1.66
N ALA B 376 -37.25 -6.88 1.33
CA ALA B 376 -37.74 -5.91 0.37
C ALA B 376 -37.29 -6.22 -1.05
N GLU B 377 -36.03 -6.63 -1.18
CA GLU B 377 -35.40 -6.83 -2.49
C GLU B 377 -34.17 -7.72 -2.32
N THR B 378 -33.90 -8.54 -3.33
CA THR B 378 -32.61 -9.20 -3.49
C THR B 378 -32.11 -8.97 -4.91
N ARG B 379 -30.80 -8.73 -5.05
CA ARG B 379 -30.15 -8.63 -6.35
C ARG B 379 -28.76 -9.24 -6.32
N SER B 380 -28.24 -9.58 -7.50
CA SER B 380 -26.94 -10.19 -7.63
C SER B 380 -26.40 -10.05 -9.04
N VAL B 381 -25.09 -10.14 -9.17
CA VAL B 381 -24.40 -10.36 -10.45
C VAL B 381 -23.26 -11.31 -10.12
N GLY B 382 -22.99 -12.26 -11.01
CA GLY B 382 -21.99 -13.30 -10.75
C GLY B 382 -22.21 -13.93 -9.39
N LEU B 383 -21.15 -13.91 -8.57
CA LEU B 383 -21.22 -14.42 -7.21
C LEU B 383 -21.11 -13.31 -6.16
N VAL B 384 -21.66 -12.13 -6.48
CA VAL B 384 -21.88 -11.11 -5.47
C VAL B 384 -23.36 -10.75 -5.46
N GLY B 385 -23.96 -10.72 -4.27
CA GLY B 385 -25.37 -10.45 -4.14
C GLY B 385 -25.72 -9.87 -2.79
N CYS B 386 -26.95 -9.41 -2.64
CA CYS B 386 -27.36 -8.79 -1.38
C CYS B 386 -28.85 -8.93 -1.14
N VAL B 387 -29.24 -8.83 0.12
CA VAL B 387 -30.63 -8.96 0.53
C VAL B 387 -30.99 -7.71 1.32
N GLN B 388 -32.02 -7.01 0.86
CA GLN B 388 -32.49 -5.78 1.50
C GLN B 388 -33.57 -6.10 2.52
N CYS B 389 -33.36 -5.62 3.75
CA CYS B 389 -34.29 -5.89 4.85
C CYS B 389 -34.95 -4.61 5.37
N LEU B 390 -36.28 -4.63 5.43
CA LEU B 390 -37.07 -3.51 5.93
C LEU B 390 -38.15 -3.97 6.91
N LEU B 391 -38.59 -3.07 7.78
CA LEU B 391 -39.72 -3.31 8.67
C LEU B 391 -41.01 -2.79 8.03
N GLY B 398 -33.67 1.92 3.91
CA GLY B 398 -34.72 2.78 4.43
C GLY B 398 -34.25 3.58 5.64
N THR B 399 -34.92 3.38 6.76
CA THR B 399 -34.65 4.14 7.99
C THR B 399 -33.50 3.55 8.81
N ALA B 400 -33.14 4.23 9.90
CA ALA B 400 -32.11 3.78 10.83
C ALA B 400 -32.62 2.61 11.67
N GLU B 401 -33.93 2.52 11.81
CA GLU B 401 -34.61 1.36 12.41
C GLU B 401 -34.37 0.11 11.57
N ASP B 402 -34.39 0.28 10.24
CA ASP B 402 -34.09 -0.80 9.29
C ASP B 402 -32.61 -1.16 9.28
N LYS B 403 -31.76 -0.16 9.56
CA LYS B 403 -30.32 -0.37 9.68
C LYS B 403 -29.97 -1.17 10.95
N ALA B 404 -30.71 -0.91 12.03
CA ALA B 404 -30.56 -1.68 13.27
C ALA B 404 -31.23 -3.05 13.16
N PHE B 405 -32.26 -3.14 12.32
CA PHE B 405 -32.95 -4.39 12.01
C PHE B 405 -32.02 -5.35 11.26
N THR B 406 -31.29 -4.80 10.29
CA THR B 406 -30.38 -5.56 9.44
C THR B 406 -29.13 -6.04 10.22
N LEU B 407 -28.63 -5.19 11.12
CA LEU B 407 -27.57 -5.57 12.05
C LEU B 407 -27.94 -6.75 12.94
N LYS B 408 -29.19 -6.77 13.41
CA LYS B 408 -29.71 -7.88 14.21
C LYS B 408 -29.78 -9.18 13.42
N ILE B 409 -30.27 -9.09 12.19
CA ILE B 409 -30.27 -10.19 11.23
C ILE B 409 -28.83 -10.71 10.98
N ASP B 410 -27.89 -9.79 10.74
CA ASP B 410 -26.46 -10.11 10.63
C ASP B 410 -25.94 -10.88 11.86
N GLU B 411 -26.25 -10.38 13.05
CA GLU B 411 -25.83 -10.97 14.32
C GLU B 411 -26.42 -12.37 14.56
N ARG B 412 -27.67 -12.55 14.16
CA ARG B 412 -28.33 -13.85 14.25
C ARG B 412 -27.75 -14.85 13.27
N CYS B 413 -27.37 -14.35 12.08
CA CYS B 413 -26.71 -15.18 11.07
C CYS B 413 -25.38 -15.71 11.59
N PHE B 414 -24.62 -14.83 12.25
CA PHE B 414 -23.33 -15.19 12.85
C PHE B 414 -23.52 -16.30 13.88
N GLU B 415 -24.49 -16.12 14.78
CA GLU B 415 -24.80 -17.11 15.82
C GLU B 415 -25.23 -18.45 15.22
N LEU B 416 -25.83 -18.41 14.03
CA LEU B 416 -26.28 -19.61 13.32
C LEU B 416 -25.28 -20.18 12.29
N GLY B 417 -24.09 -19.59 12.23
CA GLY B 417 -23.00 -20.16 11.43
C GLY B 417 -22.77 -19.53 10.06
N LEU B 418 -23.12 -18.26 9.93
CA LEU B 418 -22.85 -17.53 8.68
C LEU B 418 -22.37 -16.10 8.89
N ILE B 419 -21.23 -15.76 8.29
CA ILE B 419 -20.79 -14.37 8.22
C ILE B 419 -21.46 -13.70 7.03
N VAL B 420 -22.18 -12.60 7.27
CA VAL B 420 -22.58 -11.70 6.19
C VAL B 420 -21.93 -10.34 6.44
N ARG B 421 -21.74 -9.56 5.39
CA ARG B 421 -21.26 -8.19 5.54
C ARG B 421 -22.45 -7.25 5.72
N PRO B 422 -22.53 -6.57 6.88
CA PRO B 422 -23.62 -5.62 7.08
C PRO B 422 -23.33 -4.33 6.30
N LEU B 423 -24.36 -3.83 5.61
CA LEU B 423 -24.20 -2.65 4.79
C LEU B 423 -25.50 -1.86 4.74
N GLY B 424 -25.74 -1.07 5.79
CA GLY B 424 -26.98 -0.33 5.95
C GLY B 424 -28.15 -1.26 6.19
N ASP B 425 -29.08 -1.28 5.24
CA ASP B 425 -30.22 -2.19 5.27
C ASP B 425 -30.03 -3.43 4.39
N LEU B 426 -28.79 -3.69 3.99
CA LEU B 426 -28.47 -4.86 3.17
C LEU B 426 -27.61 -5.89 3.91
N CYS B 427 -27.88 -7.16 3.65
CA CYS B 427 -26.97 -8.24 4.00
C CYS B 427 -26.23 -8.63 2.73
N VAL B 428 -24.92 -8.44 2.73
CA VAL B 428 -24.12 -8.62 1.52
C VAL B 428 -23.31 -9.90 1.60
N ILE B 429 -23.39 -10.72 0.55
CA ILE B 429 -22.57 -11.91 0.42
C ILE B 429 -21.77 -11.94 -0.89
N SER B 430 -20.59 -12.55 -0.82
CA SER B 430 -19.75 -12.78 -1.99
C SER B 430 -18.84 -13.96 -1.70
N PRO B 431 -19.42 -15.19 -1.74
CA PRO B 431 -18.73 -16.40 -1.26
C PRO B 431 -17.56 -16.81 -2.14
N PRO B 432 -16.69 -17.73 -1.65
CA PRO B 432 -15.69 -18.29 -2.54
C PRO B 432 -16.32 -18.84 -3.79
N LEU B 433 -15.62 -18.72 -4.91
CA LEU B 433 -16.19 -19.03 -6.22
C LEU B 433 -16.44 -20.51 -6.44
N ILE B 434 -15.86 -21.33 -5.56
CA ILE B 434 -16.00 -22.78 -5.60
C ILE B 434 -17.18 -23.28 -4.74
N ILE B 435 -17.96 -22.35 -4.17
CA ILE B 435 -19.13 -22.68 -3.36
C ILE B 435 -20.11 -23.54 -4.17
N SER B 436 -20.57 -24.63 -3.58
CA SER B 436 -21.44 -25.60 -4.23
C SER B 436 -22.92 -25.22 -4.09
N ARG B 437 -23.78 -25.92 -4.83
CA ARG B 437 -25.23 -25.76 -4.66
CA ARG B 437 -25.24 -25.80 -4.67
C ARG B 437 -25.66 -26.05 -3.22
N ALA B 438 -25.14 -27.14 -2.64
CA ALA B 438 -25.40 -27.52 -1.23
C ALA B 438 -25.08 -26.42 -0.24
N GLN B 439 -23.89 -25.84 -0.39
CA GLN B 439 -23.39 -24.81 0.52
C GLN B 439 -24.15 -23.51 0.32
N ILE B 440 -24.54 -23.22 -0.93
CA ILE B 440 -25.44 -22.08 -1.20
C ILE B 440 -26.79 -22.25 -0.45
N ASP B 441 -27.38 -23.44 -0.57
CA ASP B 441 -28.62 -23.77 0.16
C ASP B 441 -28.48 -23.63 1.68
N GLU B 442 -27.39 -24.16 2.22
CA GLU B 442 -27.02 -23.99 3.65
C GLU B 442 -27.00 -22.52 4.05
N MET B 443 -26.32 -21.70 3.24
CA MET B 443 -26.14 -20.27 3.47
C MET B 443 -27.49 -19.56 3.48
N VAL B 444 -28.35 -19.92 2.52
CA VAL B 444 -29.69 -19.31 2.38
C VAL B 444 -30.64 -19.77 3.50
N ALA B 445 -30.53 -21.05 3.90
CA ALA B 445 -31.35 -21.58 5.02
C ALA B 445 -31.05 -20.86 6.33
N ILE B 446 -29.76 -20.60 6.60
CA ILE B 446 -29.35 -19.79 7.74
C ILE B 446 -29.94 -18.38 7.67
N MET B 447 -29.82 -17.73 6.51
CA MET B 447 -30.43 -16.42 6.25
C MET B 447 -31.94 -16.41 6.48
N ARG B 448 -32.62 -17.41 5.92
CA ARG B 448 -34.07 -17.57 6.07
C ARG B 448 -34.50 -17.70 7.54
N GLN B 449 -33.79 -18.54 8.29
CA GLN B 449 -34.05 -18.69 9.72
C GLN B 449 -33.83 -17.39 10.49
N ALA B 450 -32.71 -16.72 10.21
CA ALA B 450 -32.36 -15.50 10.92
C ALA B 450 -33.30 -14.35 10.61
N ILE B 451 -33.79 -14.26 9.37
CA ILE B 451 -34.75 -13.22 9.01
C ILE B 451 -36.12 -13.48 9.66
N THR B 452 -36.58 -14.74 9.62
CA THR B 452 -37.87 -15.12 10.25
C THR B 452 -37.87 -14.92 11.76
N GLU B 453 -36.75 -15.22 12.41
CA GLU B 453 -36.62 -15.10 13.88
C GLU B 453 -36.59 -13.65 14.36
N VAL B 454 -35.79 -12.82 13.68
CA VAL B 454 -35.66 -11.41 14.03
C VAL B 454 -36.95 -10.65 13.68
N SER B 455 -37.57 -11.01 12.55
CA SER B 455 -38.87 -10.43 12.15
C SER B 455 -39.98 -10.72 13.16
N ALA B 456 -40.08 -11.98 13.58
CA ALA B 456 -41.09 -12.40 14.58
C ALA B 456 -40.89 -11.72 15.92
N ALA B 457 -39.62 -11.51 16.29
CA ALA B 457 -39.26 -10.78 17.51
C ALA B 457 -39.55 -9.29 17.40
N HIS B 458 -39.48 -8.76 16.18
CA HIS B 458 -39.87 -7.37 15.89
C HIS B 458 -41.37 -7.26 15.58
N GLY B 459 -42.05 -8.40 15.52
CA GLY B 459 -43.49 -8.46 15.27
C GLY B 459 -43.85 -8.22 13.81
N LEU B 460 -43.69 -9.26 12.99
CA LEU B 460 -44.05 -9.21 11.58
C LEU B 460 -44.61 -10.54 11.09
#